data_5T8A
#
_entry.id   5T8A
#
_entity_poly.entity_id   1
_entity_poly.type   'polypeptide(L)'
_entity_poly.pdbx_seq_one_letter_code
;MLKCNKLVPIAYKTCPEGKNLCYKMFMMSDLTIPVKRGCIDVCPKNSLLVKYVCCNTDRCN
;
_entity_poly.pdbx_strand_id   A
#
# COMPACT_ATOMS: atom_id res chain seq x y z
N MET A 1 6.08 4.51 -12.62
CA MET A 1 5.84 3.11 -12.93
C MET A 1 4.35 2.76 -12.86
N LEU A 2 3.96 2.21 -11.72
CA LEU A 2 2.57 1.86 -11.50
C LEU A 2 1.86 3.03 -10.82
N LYS A 3 0.58 2.81 -10.51
CA LYS A 3 -0.17 3.78 -9.74
C LYS A 3 -0.87 3.07 -8.58
N CYS A 4 -0.75 3.66 -7.40
CA CYS A 4 -1.43 3.14 -6.23
C CYS A 4 -2.24 4.27 -5.60
N ASN A 5 -3.02 3.91 -4.59
CA ASN A 5 -4.00 4.83 -4.05
C ASN A 5 -3.41 5.52 -2.81
N LYS A 6 -3.71 6.80 -2.69
CA LYS A 6 -3.43 7.52 -1.45
C LYS A 6 -4.35 7.02 -0.35
N LEU A 7 -4.17 7.58 0.84
CA LEU A 7 -5.13 7.40 1.92
C LEU A 7 -6.52 7.81 1.42
N VAL A 8 -6.53 8.85 0.60
CA VAL A 8 -7.74 9.22 -0.12
C VAL A 8 -7.86 8.35 -1.38
N PRO A 9 -8.98 7.60 -1.45
CA PRO A 9 -9.09 6.50 -2.39
C PRO A 9 -9.44 7.02 -3.79
N ILE A 10 -9.67 8.32 -3.87
CA ILE A 10 -10.05 8.94 -5.12
C ILE A 10 -8.87 9.78 -5.64
N ALA A 11 -7.70 9.46 -5.12
CA ALA A 11 -6.47 10.08 -5.62
C ALA A 11 -5.33 9.06 -5.54
N TYR A 12 -4.55 9.02 -6.62
CA TYR A 12 -3.48 8.03 -6.73
C TYR A 12 -2.11 8.71 -6.76
N LYS A 13 -1.10 7.93 -6.45
CA LYS A 13 0.28 8.38 -6.63
C LYS A 13 0.96 7.49 -7.67
N THR A 14 1.86 8.11 -8.43
CA THR A 14 2.72 7.36 -9.32
C THR A 14 3.91 6.78 -8.55
N CYS A 15 4.14 5.49 -8.75
CA CYS A 15 5.17 4.79 -8.00
C CYS A 15 6.54 5.26 -8.49
N PRO A 16 7.53 5.23 -7.56
CA PRO A 16 8.89 5.56 -7.92
C PRO A 16 9.52 4.48 -8.81
N GLU A 17 10.52 4.89 -9.56
CA GLU A 17 11.19 3.97 -10.47
C GLU A 17 11.72 2.76 -9.70
N GLY A 18 11.41 1.58 -10.23
CA GLY A 18 11.90 0.34 -9.64
C GLY A 18 10.84 -0.28 -8.73
N LYS A 19 9.88 0.54 -8.34
CA LYS A 19 8.76 0.07 -7.54
C LYS A 19 7.59 -0.28 -8.47
N ASN A 20 6.82 -1.27 -8.05
CA ASN A 20 5.79 -1.84 -8.91
C ASN A 20 4.50 -2.02 -8.12
N LEU A 21 4.64 -2.63 -6.94
CA LEU A 21 3.49 -3.17 -6.25
C LEU A 21 2.85 -2.07 -5.41
N CYS A 22 1.57 -2.26 -5.11
CA CYS A 22 0.83 -1.32 -4.29
C CYS A 22 0.62 -1.96 -2.91
N TYR A 23 0.96 -1.21 -1.88
CA TYR A 23 0.86 -1.71 -0.52
C TYR A 23 -0.05 -0.82 0.32
N LYS A 24 -0.66 -1.43 1.32
CA LYS A 24 -1.43 -0.68 2.30
C LYS A 24 -1.04 -1.14 3.71
N MET A 25 -1.12 -0.20 4.64
CA MET A 25 -0.71 -0.47 6.01
C MET A 25 -1.91 -0.46 6.95
N PHE A 26 -1.92 -1.43 7.85
CA PHE A 26 -2.90 -1.45 8.93
C PHE A 26 -2.23 -1.29 10.30
N MET A 27 -3.05 -1.02 11.30
CA MET A 27 -2.62 -1.18 12.67
C MET A 27 -3.44 -2.27 13.37
N MET A 28 -2.77 -3.01 14.23
CA MET A 28 -3.37 -4.20 14.84
C MET A 28 -4.76 -3.88 15.39
N SER A 29 -4.93 -2.63 15.80
CA SER A 29 -6.25 -2.13 16.16
C SER A 29 -7.17 -2.17 14.93
N ASP A 30 -6.95 -1.19 14.05
CA ASP A 30 -7.83 -1.01 12.91
C ASP A 30 -7.35 -1.92 11.76
N LEU A 31 -7.75 -3.18 11.85
CA LEU A 31 -7.48 -4.12 10.78
C LEU A 31 -8.47 -3.88 9.62
N THR A 32 -9.55 -3.19 9.95
CA THR A 32 -10.65 -3.04 9.01
C THR A 32 -10.27 -2.06 7.91
N ILE A 33 -9.66 -0.96 8.31
CA ILE A 33 -9.35 0.11 7.37
C ILE A 33 -7.86 0.45 7.48
N PRO A 34 -7.17 0.39 6.31
CA PRO A 34 -5.76 0.71 6.25
C PRO A 34 -5.54 2.21 6.41
N VAL A 35 -4.33 2.57 6.82
CA VAL A 35 -4.07 3.89 7.36
C VAL A 35 -3.10 4.63 6.45
N LYS A 36 -2.35 3.85 5.67
CA LYS A 36 -1.40 4.42 4.72
C LYS A 36 -1.30 3.50 3.50
N ARG A 37 -1.11 4.13 2.35
CA ARG A 37 -0.99 3.39 1.11
C ARG A 37 0.01 4.07 0.17
N GLY A 38 0.74 3.24 -0.56
CA GLY A 38 1.77 3.75 -1.45
C GLY A 38 2.30 2.64 -2.37
N CYS A 39 3.44 2.93 -2.99
CA CYS A 39 4.05 1.97 -3.90
C CYS A 39 5.29 1.40 -3.21
N ILE A 40 5.65 0.19 -3.63
CA ILE A 40 6.91 -0.40 -3.22
C ILE A 40 7.31 -1.50 -4.20
N ASP A 41 8.58 -1.86 -4.17
CA ASP A 41 9.10 -2.87 -5.06
C ASP A 41 8.95 -4.25 -4.40
N VAL A 42 9.39 -4.32 -3.15
CA VAL A 42 9.33 -5.57 -2.41
C VAL A 42 8.36 -5.43 -1.24
N CYS A 43 7.44 -6.37 -1.16
CA CYS A 43 6.36 -6.29 -0.18
C CYS A 43 6.96 -6.49 1.21
N PRO A 44 6.73 -5.48 2.09
CA PRO A 44 7.27 -5.52 3.44
C PRO A 44 6.55 -6.59 4.27
N LYS A 45 7.34 -7.32 5.05
CA LYS A 45 6.80 -8.37 5.89
C LYS A 45 6.00 -7.76 7.02
N ASN A 46 5.07 -8.55 7.55
CA ASN A 46 4.15 -8.06 8.55
C ASN A 46 4.88 -7.87 9.88
N SER A 47 4.52 -6.82 10.59
CA SER A 47 5.10 -6.55 11.89
C SER A 47 4.05 -6.77 12.98
N LEU A 48 4.50 -6.63 14.22
CA LEU A 48 3.63 -6.88 15.37
C LEU A 48 2.67 -5.71 15.53
N LEU A 49 3.08 -4.56 15.03
CA LEU A 49 2.35 -3.34 15.26
C LEU A 49 1.43 -3.05 14.06
N VAL A 50 2.03 -3.13 12.87
CA VAL A 50 1.32 -2.80 11.66
C VAL A 50 1.38 -3.98 10.69
N LYS A 51 0.31 -4.15 9.94
CA LYS A 51 0.24 -5.22 8.96
C LYS A 51 0.39 -4.64 7.55
N TYR A 52 1.03 -5.41 6.69
CA TYR A 52 1.27 -4.96 5.32
C TYR A 52 0.56 -5.86 4.32
N VAL A 53 -0.19 -5.22 3.43
CA VAL A 53 -0.82 -5.94 2.33
C VAL A 53 -0.42 -5.28 1.02
N CYS A 54 0.03 -6.12 0.09
CA CYS A 54 0.47 -5.63 -1.21
C CYS A 54 -0.38 -6.32 -2.29
N CYS A 55 -0.40 -5.69 -3.46
CA CYS A 55 -1.11 -6.26 -4.60
C CYS A 55 -0.52 -5.66 -5.87
N ASN A 56 -0.55 -6.46 -6.93
CA ASN A 56 0.31 -6.24 -8.07
C ASN A 56 -0.51 -5.64 -9.22
N THR A 57 -1.50 -4.85 -8.85
CA THR A 57 -2.30 -4.13 -9.84
C THR A 57 -2.50 -2.68 -9.41
N ASP A 58 -3.05 -1.90 -10.33
CA ASP A 58 -3.12 -0.45 -10.14
C ASP A 58 -4.31 -0.13 -9.23
N ARG A 59 -4.08 0.80 -8.32
CA ARG A 59 -5.15 1.31 -7.49
C ARG A 59 -5.91 0.17 -6.82
N CYS A 60 -5.15 -0.87 -6.47
CA CYS A 60 -5.75 -2.06 -5.88
C CYS A 60 -5.84 -1.83 -4.36
N ASN A 61 -4.92 -1.04 -3.84
CA ASN A 61 -4.87 -0.78 -2.42
C ASN A 61 -5.60 0.52 -2.11
N MET A 1 5.83 3.32 -14.46
CA MET A 1 5.57 2.83 -13.13
C MET A 1 4.06 2.75 -12.85
N LEU A 2 3.71 2.00 -11.83
CA LEU A 2 2.31 1.72 -11.54
C LEU A 2 1.67 2.96 -10.92
N LYS A 3 0.40 2.82 -10.58
CA LYS A 3 -0.30 3.86 -9.86
C LYS A 3 -1.02 3.25 -8.65
N CYS A 4 -0.72 3.81 -7.49
CA CYS A 4 -1.28 3.29 -6.24
C CYS A 4 -2.12 4.39 -5.60
N ASN A 5 -2.94 3.98 -4.63
CA ASN A 5 -3.95 4.87 -4.08
C ASN A 5 -3.39 5.53 -2.82
N LYS A 6 -3.70 6.81 -2.67
CA LYS A 6 -3.42 7.51 -1.43
C LYS A 6 -4.33 6.99 -0.32
N LEU A 7 -4.16 7.54 0.86
CA LEU A 7 -5.14 7.39 1.92
C LEU A 7 -6.51 7.83 1.40
N VAL A 8 -6.49 8.87 0.58
CA VAL A 8 -7.69 9.27 -0.14
C VAL A 8 -7.90 8.34 -1.34
N PRO A 9 -9.04 7.59 -1.29
CA PRO A 9 -9.26 6.52 -2.23
C PRO A 9 -9.40 7.05 -3.67
N ILE A 10 -9.69 8.34 -3.75
CA ILE A 10 -10.04 8.95 -5.03
C ILE A 10 -8.87 9.80 -5.51
N ALA A 11 -7.69 9.46 -5.02
CA ALA A 11 -6.46 10.10 -5.50
C ALA A 11 -5.33 9.08 -5.48
N TYR A 12 -4.53 9.10 -6.54
CA TYR A 12 -3.45 8.14 -6.68
C TYR A 12 -2.10 8.84 -6.72
N LYS A 13 -1.06 8.09 -6.40
CA LYS A 13 0.30 8.54 -6.63
C LYS A 13 0.95 7.65 -7.69
N THR A 14 1.80 8.25 -8.49
CA THR A 14 2.65 7.51 -9.42
C THR A 14 3.81 6.87 -8.67
N CYS A 15 4.03 5.60 -8.94
CA CYS A 15 5.03 4.83 -8.20
C CYS A 15 6.41 5.32 -8.62
N PRO A 16 7.36 5.23 -7.64
CA PRO A 16 8.74 5.61 -7.90
C PRO A 16 9.45 4.55 -8.76
N GLU A 17 10.49 4.99 -9.44
CA GLU A 17 11.27 4.08 -10.28
C GLU A 17 11.79 2.90 -9.46
N GLY A 18 11.59 1.71 -9.99
CA GLY A 18 12.07 0.50 -9.35
C GLY A 18 10.98 -0.16 -8.51
N LYS A 19 9.96 0.64 -8.20
CA LYS A 19 8.83 0.13 -7.44
C LYS A 19 7.71 -0.26 -8.41
N ASN A 20 6.94 -1.25 -8.00
CA ASN A 20 5.97 -1.86 -8.90
C ASN A 20 4.64 -2.05 -8.15
N LEU A 21 4.74 -2.59 -6.94
CA LEU A 21 3.58 -3.11 -6.26
C LEU A 21 2.89 -1.98 -5.48
N CYS A 22 1.63 -2.21 -5.17
CA CYS A 22 0.89 -1.27 -4.32
C CYS A 22 0.69 -1.92 -2.95
N TYR A 23 0.98 -1.13 -1.91
CA TYR A 23 0.89 -1.63 -0.55
C TYR A 23 -0.07 -0.79 0.27
N LYS A 24 -0.66 -1.44 1.27
CA LYS A 24 -1.42 -0.71 2.28
C LYS A 24 -1.01 -1.21 3.67
N MET A 25 -0.99 -0.28 4.62
CA MET A 25 -0.58 -0.60 5.97
C MET A 25 -1.75 -0.47 6.94
N PHE A 26 -1.85 -1.43 7.84
CA PHE A 26 -2.84 -1.38 8.90
C PHE A 26 -2.17 -1.20 10.26
N MET A 27 -3.01 -0.90 11.25
CA MET A 27 -2.59 -1.03 12.64
C MET A 27 -3.43 -2.09 13.37
N MET A 28 -2.76 -2.82 14.25
CA MET A 28 -3.39 -3.95 14.92
C MET A 28 -4.77 -3.57 15.45
N SER A 29 -4.90 -2.29 15.80
CA SER A 29 -6.20 -1.77 16.21
C SER A 29 -7.18 -1.83 15.04
N ASP A 30 -6.89 -1.03 14.02
CA ASP A 30 -7.77 -0.92 12.88
C ASP A 30 -7.30 -1.85 11.76
N LEU A 31 -7.70 -3.12 11.88
CA LEU A 31 -7.41 -4.09 10.84
C LEU A 31 -8.38 -3.90 9.68
N THR A 32 -9.50 -3.25 9.99
CA THR A 32 -10.58 -3.15 9.03
C THR A 32 -10.21 -2.18 7.90
N ILE A 33 -9.64 -1.06 8.28
CA ILE A 33 -9.32 -0.01 7.33
C ILE A 33 -7.83 0.35 7.44
N PRO A 34 -7.13 0.29 6.29
CA PRO A 34 -5.72 0.65 6.24
C PRO A 34 -5.53 2.14 6.44
N VAL A 35 -4.33 2.51 6.87
CA VAL A 35 -4.11 3.84 7.42
C VAL A 35 -3.16 4.60 6.49
N LYS A 36 -2.41 3.85 5.71
CA LYS A 36 -1.51 4.45 4.74
C LYS A 36 -1.39 3.53 3.52
N ARG A 37 -1.23 4.15 2.36
CA ARG A 37 -1.08 3.41 1.12
C ARG A 37 -0.11 4.11 0.18
N GLY A 38 0.61 3.31 -0.59
CA GLY A 38 1.61 3.85 -1.50
C GLY A 38 2.17 2.74 -2.40
N CYS A 39 3.30 3.05 -3.02
CA CYS A 39 3.95 2.10 -3.91
C CYS A 39 5.17 1.53 -3.18
N ILE A 40 5.55 0.33 -3.60
CA ILE A 40 6.77 -0.29 -3.11
C ILE A 40 7.22 -1.38 -4.08
N ASP A 41 8.49 -1.74 -3.97
CA ASP A 41 9.07 -2.73 -4.86
C ASP A 41 8.88 -4.13 -4.24
N VAL A 42 9.30 -4.25 -3.00
CA VAL A 42 9.26 -5.52 -2.31
C VAL A 42 8.29 -5.42 -1.12
N CYS A 43 7.33 -6.34 -1.10
CA CYS A 43 6.30 -6.32 -0.08
C CYS A 43 6.94 -6.71 1.26
N PRO A 44 6.88 -5.76 2.22
CA PRO A 44 7.44 -6.01 3.54
C PRO A 44 6.58 -7.00 4.34
N LYS A 45 7.25 -7.84 5.09
CA LYS A 45 6.57 -8.84 5.90
C LYS A 45 5.81 -8.15 7.03
N ASN A 46 4.84 -8.87 7.57
CA ASN A 46 3.94 -8.28 8.56
C ASN A 46 4.69 -8.10 9.87
N SER A 47 4.36 -7.01 10.56
CA SER A 47 4.97 -6.72 11.84
C SER A 47 3.94 -6.88 12.96
N LEU A 48 4.41 -6.72 14.19
CA LEU A 48 3.56 -6.92 15.35
C LEU A 48 2.61 -5.73 15.51
N LEU A 49 3.07 -4.59 15.01
CA LEU A 49 2.36 -3.35 15.25
C LEU A 49 1.46 -3.05 14.05
N VAL A 50 2.05 -3.17 12.86
CA VAL A 50 1.34 -2.83 11.63
C VAL A 50 1.36 -4.03 10.69
N LYS A 51 0.29 -4.14 9.91
CA LYS A 51 0.20 -5.22 8.95
C LYS A 51 0.40 -4.66 7.54
N TYR A 52 1.04 -5.47 6.70
CA TYR A 52 1.35 -5.05 5.35
C TYR A 52 0.63 -5.92 4.32
N VAL A 53 -0.07 -5.25 3.41
CA VAL A 53 -0.69 -5.93 2.29
C VAL A 53 -0.21 -5.27 0.98
N CYS A 54 0.20 -6.12 0.05
CA CYS A 54 0.64 -5.65 -1.25
C CYS A 54 -0.22 -6.31 -2.32
N CYS A 55 -0.23 -5.69 -3.49
CA CYS A 55 -0.94 -6.25 -4.63
C CYS A 55 -0.35 -5.65 -5.90
N ASN A 56 -0.37 -6.45 -6.97
CA ASN A 56 0.49 -6.20 -8.11
C ASN A 56 -0.32 -5.61 -9.25
N THR A 57 -1.33 -4.84 -8.88
CA THR A 57 -2.14 -4.13 -9.86
C THR A 57 -2.37 -2.69 -9.42
N ASP A 58 -2.94 -1.90 -10.33
CA ASP A 58 -3.05 -0.47 -10.11
C ASP A 58 -4.29 -0.18 -9.26
N ARG A 59 -4.12 0.76 -8.34
CA ARG A 59 -5.23 1.22 -7.54
C ARG A 59 -5.93 0.04 -6.87
N CYS A 60 -5.14 -0.96 -6.52
CA CYS A 60 -5.66 -2.17 -5.93
C CYS A 60 -5.77 -1.96 -4.41
N ASN A 61 -4.86 -1.14 -3.90
CA ASN A 61 -4.81 -0.89 -2.47
C ASN A 61 -5.61 0.39 -2.15
N MET A 1 6.10 3.04 -14.27
CA MET A 1 5.62 4.05 -13.35
C MET A 1 4.12 3.88 -13.07
N LEU A 2 3.83 2.96 -12.17
CA LEU A 2 2.46 2.53 -11.95
C LEU A 2 1.74 3.56 -11.08
N LYS A 3 0.49 3.25 -10.75
CA LYS A 3 -0.31 4.13 -9.91
C LYS A 3 -0.83 3.35 -8.70
N CYS A 4 -0.55 3.89 -7.53
CA CYS A 4 -1.10 3.34 -6.30
C CYS A 4 -1.94 4.42 -5.63
N ASN A 5 -2.75 3.98 -4.67
CA ASN A 5 -3.79 4.83 -4.11
C ASN A 5 -3.28 5.46 -2.82
N LYS A 6 -3.65 6.72 -2.62
CA LYS A 6 -3.37 7.39 -1.36
C LYS A 6 -4.38 6.93 -0.30
N LEU A 7 -4.21 7.46 0.90
CA LEU A 7 -5.21 7.28 1.95
C LEU A 7 -6.58 7.70 1.40
N VAL A 8 -6.57 8.76 0.60
CA VAL A 8 -7.75 9.12 -0.16
C VAL A 8 -7.88 8.23 -1.38
N PRO A 9 -9.03 7.49 -1.44
CA PRO A 9 -9.15 6.38 -2.37
C PRO A 9 -9.50 6.88 -3.77
N ILE A 10 -9.73 8.19 -3.86
CA ILE A 10 -10.05 8.81 -5.14
C ILE A 10 -8.87 9.66 -5.59
N ALA A 11 -7.70 9.34 -5.05
CA ALA A 11 -6.48 10.00 -5.46
C ALA A 11 -5.33 9.00 -5.46
N TYR A 12 -4.56 9.01 -6.54
CA TYR A 12 -3.42 8.12 -6.67
C TYR A 12 -2.11 8.90 -6.73
N LYS A 13 -1.03 8.20 -6.41
CA LYS A 13 0.30 8.74 -6.66
C LYS A 13 1.03 7.84 -7.65
N THR A 14 1.92 8.45 -8.42
CA THR A 14 2.75 7.72 -9.35
C THR A 14 3.91 7.04 -8.61
N CYS A 15 4.07 5.75 -8.88
CA CYS A 15 5.06 4.96 -8.18
C CYS A 15 6.46 5.39 -8.65
N PRO A 16 7.43 5.32 -7.71
CA PRO A 16 8.82 5.56 -8.07
C PRO A 16 9.38 4.41 -8.91
N GLU A 17 10.40 4.73 -9.68
CA GLU A 17 11.04 3.74 -10.53
C GLU A 17 11.56 2.57 -9.69
N GLY A 18 11.26 1.36 -10.16
CA GLY A 18 11.71 0.17 -9.48
C GLY A 18 10.58 -0.45 -8.65
N LYS A 19 9.63 0.40 -8.29
CA LYS A 19 8.46 -0.06 -7.57
C LYS A 19 7.37 -0.45 -8.57
N ASN A 20 6.52 -1.37 -8.13
CA ASN A 20 5.60 -2.02 -9.04
C ASN A 20 4.37 -2.50 -8.26
N LEU A 21 4.59 -2.78 -6.99
CA LEU A 21 3.52 -3.26 -6.13
C LEU A 21 2.86 -2.07 -5.43
N CYS A 22 1.60 -2.26 -5.05
CA CYS A 22 0.92 -1.29 -4.22
C CYS A 22 0.70 -1.90 -2.83
N TYR A 23 1.00 -1.11 -1.81
CA TYR A 23 0.93 -1.59 -0.45
C TYR A 23 -0.05 -0.77 0.38
N LYS A 24 -0.65 -1.42 1.36
CA LYS A 24 -1.46 -0.71 2.35
C LYS A 24 -1.08 -1.21 3.74
N MET A 25 -1.03 -0.26 4.68
CA MET A 25 -0.62 -0.57 6.03
C MET A 25 -1.80 -0.48 7.01
N PHE A 26 -1.86 -1.44 7.91
CA PHE A 26 -2.86 -1.42 8.96
C PHE A 26 -2.19 -1.24 10.33
N MET A 27 -3.02 -0.96 11.33
CA MET A 27 -2.61 -1.08 12.71
C MET A 27 -3.46 -2.11 13.46
N MET A 28 -2.80 -2.83 14.35
CA MET A 28 -3.45 -3.94 15.04
C MET A 28 -4.80 -3.52 15.60
N SER A 29 -4.93 -2.23 15.88
CA SER A 29 -6.22 -1.65 16.22
C SER A 29 -7.18 -1.80 15.03
N ASP A 30 -6.97 -0.96 14.04
CA ASP A 30 -7.87 -0.91 12.90
C ASP A 30 -7.37 -1.85 11.81
N LEU A 31 -7.77 -3.11 11.94
CA LEU A 31 -7.45 -4.11 10.93
C LEU A 31 -8.40 -3.94 9.75
N THR A 32 -9.52 -3.29 10.01
CA THR A 32 -10.59 -3.19 9.03
C THR A 32 -10.19 -2.24 7.89
N ILE A 33 -9.63 -1.10 8.28
CA ILE A 33 -9.31 -0.06 7.33
C ILE A 33 -7.84 0.31 7.46
N PRO A 34 -7.13 0.24 6.30
CA PRO A 34 -5.71 0.60 6.26
C PRO A 34 -5.54 2.12 6.43
N VAL A 35 -4.34 2.49 6.88
CA VAL A 35 -4.13 3.82 7.41
C VAL A 35 -3.22 4.61 6.46
N LYS A 36 -2.44 3.87 5.69
CA LYS A 36 -1.54 4.48 4.72
C LYS A 36 -1.38 3.53 3.53
N ARG A 37 -1.24 4.14 2.36
CA ARG A 37 -1.08 3.37 1.14
C ARG A 37 -0.13 4.09 0.17
N GLY A 38 0.59 3.29 -0.59
CA GLY A 38 1.58 3.83 -1.52
C GLY A 38 2.15 2.73 -2.42
N CYS A 39 3.26 3.04 -3.05
CA CYS A 39 3.92 2.10 -3.93
C CYS A 39 5.10 1.48 -3.18
N ILE A 40 5.48 0.28 -3.63
CA ILE A 40 6.69 -0.35 -3.14
C ILE A 40 7.13 -1.43 -4.13
N ASP A 41 8.40 -1.79 -4.04
CA ASP A 41 8.95 -2.80 -4.92
C ASP A 41 8.79 -4.19 -4.28
N VAL A 42 9.25 -4.28 -3.04
CA VAL A 42 9.23 -5.55 -2.33
C VAL A 42 8.28 -5.44 -1.13
N CYS A 43 7.33 -6.35 -1.10
CA CYS A 43 6.31 -6.33 -0.05
C CYS A 43 6.97 -6.72 1.27
N PRO A 44 6.91 -5.78 2.25
CA PRO A 44 7.50 -6.01 3.56
C PRO A 44 6.64 -7.00 4.37
N LYS A 45 7.34 -7.82 5.15
CA LYS A 45 6.66 -8.81 5.97
C LYS A 45 5.89 -8.11 7.08
N ASN A 46 4.92 -8.82 7.64
CA ASN A 46 4.02 -8.23 8.62
C ASN A 46 4.76 -8.05 9.95
N SER A 47 4.41 -6.98 10.64
CA SER A 47 4.99 -6.71 11.95
C SER A 47 3.94 -6.91 13.04
N LEU A 48 4.38 -6.75 14.27
CA LEU A 48 3.52 -6.98 15.42
C LEU A 48 2.57 -5.78 15.56
N LEU A 49 3.03 -4.63 15.11
CA LEU A 49 2.32 -3.39 15.34
C LEU A 49 1.43 -3.08 14.14
N VAL A 50 2.04 -3.18 12.96
CA VAL A 50 1.35 -2.83 11.72
C VAL A 50 1.39 -4.02 10.77
N LYS A 51 0.33 -4.15 9.99
CA LYS A 51 0.23 -5.23 9.02
C LYS A 51 0.43 -4.65 7.61
N TYR A 52 1.09 -5.45 6.78
CA TYR A 52 1.38 -5.03 5.42
C TYR A 52 0.66 -5.90 4.40
N VAL A 53 -0.04 -5.24 3.49
CA VAL A 53 -0.65 -5.93 2.37
C VAL A 53 -0.20 -5.27 1.06
N CYS A 54 0.22 -6.12 0.14
CA CYS A 54 0.66 -5.63 -1.17
C CYS A 54 -0.22 -6.30 -2.23
N CYS A 55 -0.27 -5.65 -3.39
CA CYS A 55 -0.98 -6.21 -4.53
C CYS A 55 -0.36 -5.66 -5.81
N ASN A 56 -0.36 -6.47 -6.85
CA ASN A 56 0.57 -6.29 -7.95
C ASN A 56 -0.19 -5.70 -9.14
N THR A 57 -1.18 -4.88 -8.83
CA THR A 57 -1.93 -4.18 -9.86
C THR A 57 -2.13 -2.72 -9.47
N ASP A 58 -2.67 -1.96 -10.41
CA ASP A 58 -2.79 -0.52 -10.23
C ASP A 58 -3.99 -0.21 -9.35
N ARG A 59 -3.80 0.75 -8.45
CA ARG A 59 -4.90 1.28 -7.67
C ARG A 59 -5.69 0.14 -7.01
N CYS A 60 -4.94 -0.88 -6.60
CA CYS A 60 -5.56 -2.07 -6.03
C CYS A 60 -5.72 -1.85 -4.53
N ASN A 61 -4.81 -1.06 -3.98
CA ASN A 61 -4.80 -0.82 -2.55
C ASN A 61 -5.57 0.48 -2.26
N MET A 1 5.61 4.32 -15.12
CA MET A 1 5.41 4.10 -13.70
C MET A 1 3.94 3.75 -13.41
N LEU A 2 3.75 2.98 -12.33
CA LEU A 2 2.43 2.50 -11.99
C LEU A 2 1.70 3.57 -11.16
N LYS A 3 0.49 3.22 -10.74
CA LYS A 3 -0.27 4.09 -9.88
C LYS A 3 -0.81 3.30 -8.69
N CYS A 4 -0.66 3.88 -7.51
CA CYS A 4 -1.23 3.29 -6.31
C CYS A 4 -2.13 4.34 -5.64
N ASN A 5 -2.91 3.87 -4.69
CA ASN A 5 -3.96 4.70 -4.11
C ASN A 5 -3.43 5.36 -2.84
N LYS A 6 -3.82 6.61 -2.66
CA LYS A 6 -3.50 7.33 -1.43
C LYS A 6 -4.35 6.79 -0.28
N LEU A 7 -4.14 7.36 0.88
CA LEU A 7 -5.12 7.25 1.96
C LEU A 7 -6.47 7.75 1.45
N VAL A 8 -6.43 8.78 0.63
CA VAL A 8 -7.62 9.26 -0.06
C VAL A 8 -7.94 8.31 -1.21
N PRO A 9 -9.13 7.66 -1.10
CA PRO A 9 -9.47 6.58 -2.01
C PRO A 9 -9.63 7.10 -3.45
N ILE A 10 -9.82 8.41 -3.56
CA ILE A 10 -10.17 9.01 -4.83
C ILE A 10 -8.98 9.82 -5.34
N ALA A 11 -7.79 9.43 -4.90
CA ALA A 11 -6.58 10.04 -5.38
C ALA A 11 -5.45 9.01 -5.38
N TYR A 12 -4.63 9.07 -6.43
CA TYR A 12 -3.55 8.11 -6.59
C TYR A 12 -2.20 8.83 -6.70
N LYS A 13 -1.15 8.09 -6.38
CA LYS A 13 0.20 8.60 -6.56
C LYS A 13 0.89 7.80 -7.68
N THR A 14 1.78 8.49 -8.37
CA THR A 14 2.63 7.82 -9.35
C THR A 14 3.80 7.12 -8.64
N CYS A 15 3.98 5.85 -8.99
CA CYS A 15 4.95 5.01 -8.30
C CYS A 15 6.35 5.48 -8.69
N PRO A 16 7.28 5.38 -7.70
CA PRO A 16 8.69 5.63 -7.97
C PRO A 16 9.29 4.51 -8.81
N GLU A 17 10.35 4.85 -9.53
CA GLU A 17 11.04 3.87 -10.35
C GLU A 17 11.54 2.70 -9.49
N GLY A 18 11.34 1.50 -10.01
CA GLY A 18 11.82 0.30 -9.34
C GLY A 18 10.69 -0.36 -8.53
N LYS A 19 9.67 0.43 -8.24
CA LYS A 19 8.51 -0.08 -7.53
C LYS A 19 7.49 -0.58 -8.54
N ASN A 20 6.67 -1.53 -8.10
CA ASN A 20 5.83 -2.29 -9.02
C ASN A 20 4.58 -2.75 -8.28
N LEU A 21 4.73 -2.93 -6.97
CA LEU A 21 3.61 -3.37 -6.15
C LEU A 21 2.94 -2.13 -5.52
N CYS A 22 1.69 -2.31 -5.14
CA CYS A 22 1.02 -1.35 -4.27
C CYS A 22 0.85 -1.97 -2.89
N TYR A 23 1.09 -1.17 -1.87
CA TYR A 23 1.02 -1.64 -0.50
C TYR A 23 0.02 -0.83 0.31
N LYS A 24 -0.57 -1.48 1.30
CA LYS A 24 -1.36 -0.78 2.30
C LYS A 24 -0.97 -1.28 3.69
N MET A 25 -0.94 -0.35 4.63
CA MET A 25 -0.53 -0.65 5.99
C MET A 25 -1.70 -0.51 6.97
N PHE A 26 -1.79 -1.47 7.88
CA PHE A 26 -2.79 -1.41 8.93
C PHE A 26 -2.13 -1.22 10.30
N MET A 27 -2.97 -0.84 11.27
CA MET A 27 -2.57 -0.93 12.66
C MET A 27 -3.47 -1.89 13.43
N MET A 28 -2.84 -2.61 14.35
CA MET A 28 -3.54 -3.67 15.07
C MET A 28 -4.89 -3.18 15.59
N SER A 29 -4.96 -1.88 15.83
CA SER A 29 -6.24 -1.24 16.13
C SER A 29 -7.21 -1.44 14.97
N ASP A 30 -6.97 -0.65 13.92
CA ASP A 30 -7.87 -0.64 12.77
C ASP A 30 -7.37 -1.63 11.73
N LEU A 31 -7.77 -2.89 11.90
CA LEU A 31 -7.45 -3.91 10.92
C LEU A 31 -8.40 -3.79 9.72
N THR A 32 -9.52 -3.13 9.96
CA THR A 32 -10.59 -3.07 8.98
C THR A 32 -10.19 -2.18 7.81
N ILE A 33 -9.63 -1.02 8.15
CA ILE A 33 -9.30 -0.03 7.14
C ILE A 33 -7.82 0.34 7.28
N PRO A 34 -7.09 0.24 6.14
CA PRO A 34 -5.67 0.58 6.11
C PRO A 34 -5.48 2.09 6.27
N VAL A 35 -4.30 2.45 6.77
CA VAL A 35 -4.10 3.78 7.31
C VAL A 35 -3.10 4.55 6.44
N LYS A 36 -2.34 3.78 5.67
CA LYS A 36 -1.42 4.36 4.71
C LYS A 36 -1.29 3.44 3.50
N ARG A 37 -1.18 4.06 2.34
CA ARG A 37 -1.09 3.31 1.10
C ARG A 37 -0.16 4.03 0.11
N GLY A 38 0.58 3.23 -0.65
CA GLY A 38 1.54 3.78 -1.59
C GLY A 38 2.12 2.68 -2.48
N CYS A 39 3.23 3.01 -3.11
CA CYS A 39 3.89 2.05 -3.99
C CYS A 39 5.08 1.46 -3.24
N ILE A 40 5.47 0.26 -3.66
CA ILE A 40 6.66 -0.38 -3.12
C ILE A 40 7.14 -1.46 -4.09
N ASP A 41 8.40 -1.80 -3.96
CA ASP A 41 9.00 -2.81 -4.83
C ASP A 41 8.84 -4.19 -4.17
N VAL A 42 9.30 -4.28 -2.93
CA VAL A 42 9.30 -5.55 -2.22
C VAL A 42 8.36 -5.45 -1.02
N CYS A 43 7.40 -6.36 -0.99
CA CYS A 43 6.41 -6.35 0.07
C CYS A 43 7.09 -6.78 1.37
N PRO A 44 7.06 -5.86 2.37
CA PRO A 44 7.63 -6.16 3.67
C PRO A 44 6.75 -7.13 4.46
N LYS A 45 7.39 -7.98 5.22
CA LYS A 45 6.68 -8.97 6.02
C LYS A 45 5.90 -8.26 7.13
N ASN A 46 4.91 -8.97 7.66
CA ASN A 46 4.00 -8.37 8.61
C ASN A 46 4.70 -8.21 9.96
N SER A 47 4.35 -7.13 10.66
CA SER A 47 4.90 -6.89 11.97
C SER A 47 3.80 -7.05 13.03
N LEU A 48 4.20 -6.91 14.29
CA LEU A 48 3.28 -7.10 15.40
C LEU A 48 2.37 -5.87 15.51
N LEU A 49 2.92 -4.73 15.10
CA LEU A 49 2.25 -3.46 15.32
C LEU A 49 1.39 -3.12 14.10
N VAL A 50 2.01 -3.26 12.94
CA VAL A 50 1.35 -2.90 11.69
C VAL A 50 1.38 -4.09 10.74
N LYS A 51 0.34 -4.21 9.94
CA LYS A 51 0.24 -5.27 8.98
C LYS A 51 0.46 -4.72 7.57
N TYR A 52 1.10 -5.53 6.74
CA TYR A 52 1.42 -5.10 5.38
C TYR A 52 0.68 -5.97 4.35
N VAL A 53 -0.02 -5.31 3.45
CA VAL A 53 -0.64 -6.00 2.33
C VAL A 53 -0.16 -5.35 1.02
N CYS A 54 0.29 -6.20 0.11
CA CYS A 54 0.74 -5.73 -1.18
C CYS A 54 -0.12 -6.40 -2.26
N CYS A 55 -0.21 -5.73 -3.40
CA CYS A 55 -0.91 -6.29 -4.54
C CYS A 55 -0.30 -5.71 -5.81
N ASN A 56 -0.23 -6.54 -6.84
CA ASN A 56 0.70 -6.31 -7.93
C ASN A 56 -0.05 -5.71 -9.12
N THR A 57 -1.06 -4.90 -8.80
CA THR A 57 -1.81 -4.20 -9.81
C THR A 57 -2.04 -2.74 -9.39
N ASP A 58 -2.58 -1.97 -10.33
CA ASP A 58 -2.71 -0.53 -10.13
C ASP A 58 -3.94 -0.24 -9.28
N ARG A 59 -3.78 0.72 -8.38
CA ARG A 59 -4.91 1.22 -7.61
C ARG A 59 -5.67 0.05 -6.98
N CYS A 60 -4.91 -0.96 -6.59
CA CYS A 60 -5.52 -2.16 -6.01
C CYS A 60 -5.67 -1.93 -4.50
N ASN A 61 -4.77 -1.14 -3.95
CA ASN A 61 -4.76 -0.90 -2.53
C ASN A 61 -5.54 0.38 -2.22
N MET A 1 5.61 4.21 -15.18
CA MET A 1 5.44 3.92 -13.76
C MET A 1 3.98 3.62 -13.44
N LEU A 2 3.78 2.80 -12.42
CA LEU A 2 2.45 2.36 -12.06
C LEU A 2 1.78 3.42 -11.18
N LYS A 3 0.56 3.12 -10.75
CA LYS A 3 -0.17 4.03 -9.88
C LYS A 3 -0.72 3.25 -8.69
N CYS A 4 -0.56 3.84 -7.51
CA CYS A 4 -1.12 3.27 -6.30
C CYS A 4 -1.99 4.34 -5.63
N ASN A 5 -2.79 3.89 -4.67
CA ASN A 5 -3.82 4.74 -4.11
C ASN A 5 -3.29 5.39 -2.82
N LYS A 6 -3.68 6.64 -2.62
CA LYS A 6 -3.37 7.34 -1.39
C LYS A 6 -4.35 6.91 -0.30
N LEU A 7 -4.15 7.46 0.88
CA LEU A 7 -5.14 7.33 1.94
C LEU A 7 -6.51 7.76 1.43
N VAL A 8 -6.49 8.81 0.62
CA VAL A 8 -7.68 9.22 -0.11
C VAL A 8 -7.86 8.31 -1.33
N PRO A 9 -9.05 7.63 -1.36
CA PRO A 9 -9.24 6.53 -2.30
C PRO A 9 -9.58 7.05 -3.69
N ILE A 10 -9.74 8.36 -3.79
CA ILE A 10 -10.05 8.99 -5.06
C ILE A 10 -8.84 9.81 -5.52
N ALA A 11 -7.68 9.44 -5.00
CA ALA A 11 -6.43 10.08 -5.41
C ALA A 11 -5.32 9.04 -5.40
N TYR A 12 -4.52 9.09 -6.46
CA TYR A 12 -3.43 8.14 -6.62
C TYR A 12 -2.08 8.87 -6.76
N LYS A 13 -1.02 8.15 -6.44
CA LYS A 13 0.33 8.65 -6.68
C LYS A 13 1.01 7.78 -7.73
N THR A 14 1.89 8.42 -8.49
CA THR A 14 2.73 7.69 -9.43
C THR A 14 3.89 7.00 -8.71
N CYS A 15 4.07 5.73 -9.01
CA CYS A 15 5.02 4.91 -8.28
C CYS A 15 6.43 5.38 -8.67
N PRO A 16 7.35 5.29 -7.68
CA PRO A 16 8.76 5.54 -7.93
C PRO A 16 9.38 4.42 -8.76
N GLU A 17 10.48 4.74 -9.43
CA GLU A 17 11.17 3.77 -10.26
C GLU A 17 11.57 2.55 -9.43
N GLY A 18 11.30 1.39 -10.00
CA GLY A 18 11.71 0.14 -9.37
C GLY A 18 10.56 -0.48 -8.56
N LYS A 19 9.60 0.37 -8.23
CA LYS A 19 8.42 -0.08 -7.50
C LYS A 19 7.34 -0.51 -8.50
N ASN A 20 6.50 -1.43 -8.06
CA ASN A 20 5.60 -2.11 -8.98
C ASN A 20 4.37 -2.58 -8.20
N LEU A 21 4.59 -2.85 -6.91
CA LEU A 21 3.50 -3.31 -6.06
C LEU A 21 2.84 -2.11 -5.38
N CYS A 22 1.58 -2.30 -5.01
CA CYS A 22 0.88 -1.30 -4.22
C CYS A 22 0.64 -1.86 -2.82
N TYR A 23 1.09 -1.11 -1.83
CA TYR A 23 1.01 -1.56 -0.46
C TYR A 23 0.01 -0.73 0.34
N LYS A 24 -0.59 -1.38 1.33
CA LYS A 24 -1.39 -0.67 2.32
C LYS A 24 -1.03 -1.16 3.72
N MET A 25 -0.98 -0.21 4.65
CA MET A 25 -0.59 -0.53 6.01
C MET A 25 -1.78 -0.42 6.97
N PHE A 26 -1.86 -1.38 7.87
CA PHE A 26 -2.86 -1.33 8.92
C PHE A 26 -2.20 -1.17 10.30
N MET A 27 -3.04 -0.90 11.29
CA MET A 27 -2.63 -1.08 12.67
C MET A 27 -3.44 -2.20 13.35
N MET A 28 -2.76 -2.94 14.21
CA MET A 28 -3.35 -4.12 14.80
C MET A 28 -4.76 -3.83 15.34
N SER A 29 -4.95 -2.59 15.76
CA SER A 29 -6.26 -2.13 16.17
C SER A 29 -7.22 -2.15 14.96
N ASP A 30 -6.91 -1.29 14.00
CA ASP A 30 -7.78 -1.12 12.84
C ASP A 30 -7.30 -2.01 11.70
N LEU A 31 -7.68 -3.28 11.78
CA LEU A 31 -7.37 -4.21 10.72
C LEU A 31 -8.36 -4.02 9.57
N THR A 32 -9.45 -3.33 9.88
CA THR A 32 -10.55 -3.18 8.94
C THR A 32 -10.17 -2.20 7.83
N ILE A 33 -9.59 -1.08 8.25
CA ILE A 33 -9.29 -0.01 7.32
C ILE A 33 -7.81 0.37 7.43
N PRO A 34 -7.11 0.32 6.27
CA PRO A 34 -5.71 0.69 6.22
C PRO A 34 -5.53 2.20 6.42
N VAL A 35 -4.33 2.57 6.85
CA VAL A 35 -4.10 3.90 7.38
C VAL A 35 -3.17 4.67 6.45
N LYS A 36 -2.41 3.91 5.68
CA LYS A 36 -1.50 4.50 4.71
C LYS A 36 -1.37 3.57 3.50
N ARG A 37 -1.21 4.18 2.33
CA ARG A 37 -1.08 3.43 1.10
C ARG A 37 -0.12 4.12 0.15
N GLY A 38 0.59 3.31 -0.62
CA GLY A 38 1.58 3.83 -1.55
C GLY A 38 2.15 2.71 -2.43
N CYS A 39 3.27 3.03 -3.08
CA CYS A 39 3.92 2.06 -3.95
C CYS A 39 5.10 1.46 -3.19
N ILE A 40 5.47 0.25 -3.59
CA ILE A 40 6.69 -0.37 -3.11
C ILE A 40 7.13 -1.46 -4.07
N ASP A 41 8.40 -1.83 -3.98
CA ASP A 41 8.97 -2.83 -4.87
C ASP A 41 8.80 -4.22 -4.24
N VAL A 42 9.25 -4.32 -3.00
CA VAL A 42 9.20 -5.58 -2.29
C VAL A 42 8.25 -5.46 -1.09
N CYS A 43 7.29 -6.37 -1.05
CA CYS A 43 6.26 -6.33 -0.02
C CYS A 43 6.91 -6.71 1.31
N PRO A 44 6.84 -5.76 2.27
CA PRO A 44 7.41 -5.97 3.59
C PRO A 44 6.57 -6.96 4.40
N LYS A 45 7.26 -7.79 5.17
CA LYS A 45 6.58 -8.77 6.00
C LYS A 45 5.83 -8.06 7.12
N ASN A 46 4.87 -8.77 7.69
CA ASN A 46 3.97 -8.17 8.67
C ASN A 46 4.75 -7.97 9.98
N SER A 47 4.37 -6.91 10.69
CA SER A 47 4.99 -6.62 11.97
C SER A 47 3.96 -6.81 13.11
N LEU A 48 4.43 -6.62 14.33
CA LEU A 48 3.59 -6.84 15.49
C LEU A 48 2.65 -5.65 15.67
N LEU A 49 3.07 -4.52 15.12
CA LEU A 49 2.35 -3.27 15.34
C LEU A 49 1.44 -3.00 14.14
N VAL A 50 2.03 -3.11 12.96
CA VAL A 50 1.32 -2.76 11.74
C VAL A 50 1.36 -3.95 10.78
N LYS A 51 0.28 -4.09 10.02
CA LYS A 51 0.19 -5.17 9.04
C LYS A 51 0.42 -4.60 7.63
N TYR A 52 1.06 -5.40 6.81
CA TYR A 52 1.37 -4.99 5.46
C TYR A 52 0.66 -5.86 4.42
N VAL A 53 -0.04 -5.20 3.52
CA VAL A 53 -0.67 -5.89 2.40
C VAL A 53 -0.20 -5.25 1.09
N CYS A 54 0.19 -6.10 0.16
CA CYS A 54 0.61 -5.64 -1.16
C CYS A 54 -0.27 -6.30 -2.21
N CYS A 55 -0.42 -5.62 -3.33
CA CYS A 55 -1.10 -6.21 -4.48
C CYS A 55 -0.47 -5.64 -5.75
N ASN A 56 -0.39 -6.49 -6.76
CA ASN A 56 0.57 -6.28 -7.83
C ASN A 56 -0.15 -5.68 -9.05
N THR A 57 -1.17 -4.89 -8.75
CA THR A 57 -1.90 -4.18 -9.79
C THR A 57 -2.13 -2.73 -9.38
N ASP A 58 -2.63 -1.95 -10.33
CA ASP A 58 -2.74 -0.52 -10.14
C ASP A 58 -3.95 -0.19 -9.27
N ARG A 59 -3.74 0.71 -8.33
CA ARG A 59 -4.85 1.24 -7.54
C ARG A 59 -5.65 0.10 -6.94
N CYS A 60 -4.95 -0.97 -6.60
CA CYS A 60 -5.58 -2.15 -6.04
C CYS A 60 -5.68 -1.97 -4.52
N ASN A 61 -4.76 -1.19 -3.99
CA ASN A 61 -4.72 -0.94 -2.56
C ASN A 61 -5.51 0.32 -2.24
N MET A 1 5.66 4.37 -15.10
CA MET A 1 5.46 4.08 -13.70
C MET A 1 4.00 3.75 -13.41
N LEU A 2 3.80 2.97 -12.35
CA LEU A 2 2.47 2.50 -12.00
C LEU A 2 1.75 3.56 -11.17
N LYS A 3 0.54 3.22 -10.75
CA LYS A 3 -0.23 4.10 -9.89
C LYS A 3 -0.76 3.30 -8.70
N CYS A 4 -0.60 3.87 -7.52
CA CYS A 4 -1.18 3.28 -6.32
C CYS A 4 -2.05 4.34 -5.63
N ASN A 5 -2.86 3.86 -4.68
CA ASN A 5 -3.88 4.70 -4.09
C ASN A 5 -3.35 5.34 -2.81
N LYS A 6 -3.74 6.59 -2.60
CA LYS A 6 -3.43 7.27 -1.36
C LYS A 6 -4.41 6.82 -0.27
N LEU A 7 -4.20 7.36 0.92
CA LEU A 7 -5.18 7.20 1.99
C LEU A 7 -6.56 7.66 1.48
N VAL A 8 -6.54 8.73 0.70
CA VAL A 8 -7.73 9.15 -0.02
C VAL A 8 -7.92 8.26 -1.24
N PRO A 9 -9.09 7.57 -1.27
CA PRO A 9 -9.30 6.46 -2.20
C PRO A 9 -9.66 6.99 -3.59
N ILE A 10 -9.79 8.30 -3.69
CA ILE A 10 -10.12 8.94 -4.94
C ILE A 10 -8.93 9.75 -5.43
N ALA A 11 -7.76 9.41 -4.91
CA ALA A 11 -6.54 10.06 -5.32
C ALA A 11 -5.40 9.04 -5.33
N TYR A 12 -4.64 9.05 -6.42
CA TYR A 12 -3.53 8.13 -6.57
C TYR A 12 -2.20 8.88 -6.70
N LYS A 13 -1.12 8.17 -6.41
CA LYS A 13 0.21 8.70 -6.66
C LYS A 13 0.91 7.83 -7.71
N THR A 14 1.79 8.47 -8.47
CA THR A 14 2.65 7.75 -9.38
C THR A 14 3.82 7.11 -8.63
N CYS A 15 4.01 5.82 -8.90
CA CYS A 15 4.97 5.04 -8.15
C CYS A 15 6.38 5.49 -8.56
N PRO A 16 7.33 5.40 -7.60
CA PRO A 16 8.72 5.67 -7.89
C PRO A 16 9.33 4.56 -8.73
N GLU A 17 10.42 4.90 -9.41
CA GLU A 17 11.10 3.95 -10.27
C GLU A 17 11.54 2.73 -9.45
N GLY A 18 11.32 1.56 -10.02
CA GLY A 18 11.79 0.33 -9.42
C GLY A 18 10.67 -0.35 -8.62
N LYS A 19 9.66 0.44 -8.28
CA LYS A 19 8.51 -0.08 -7.57
C LYS A 19 7.46 -0.56 -8.57
N ASN A 20 6.65 -1.50 -8.12
CA ASN A 20 5.82 -2.28 -9.03
C ASN A 20 4.56 -2.74 -8.30
N LEU A 21 4.71 -2.94 -6.99
CA LEU A 21 3.59 -3.37 -6.17
C LEU A 21 2.94 -2.14 -5.53
N CYS A 22 1.69 -2.32 -5.13
CA CYS A 22 1.03 -1.35 -4.27
C CYS A 22 0.86 -1.98 -2.88
N TYR A 23 1.09 -1.16 -1.87
CA TYR A 23 1.00 -1.63 -0.50
C TYR A 23 0.00 -0.81 0.31
N LYS A 24 -0.60 -1.46 1.29
CA LYS A 24 -1.39 -0.75 2.28
C LYS A 24 -1.01 -1.24 3.68
N MET A 25 -0.97 -0.29 4.61
CA MET A 25 -0.55 -0.59 5.97
C MET A 25 -1.72 -0.47 6.95
N PHE A 26 -1.78 -1.41 7.87
CA PHE A 26 -2.78 -1.37 8.93
C PHE A 26 -2.13 -1.19 10.30
N MET A 27 -2.97 -0.86 11.27
CA MET A 27 -2.57 -0.96 12.67
C MET A 27 -3.44 -1.97 13.42
N MET A 28 -2.80 -2.69 14.33
CA MET A 28 -3.47 -3.78 15.03
C MET A 28 -4.85 -3.34 15.53
N SER A 29 -4.95 -2.05 15.82
CA SER A 29 -6.23 -1.46 16.14
C SER A 29 -7.19 -1.61 14.97
N ASP A 30 -6.96 -0.78 13.95
CA ASP A 30 -7.86 -0.74 12.80
C ASP A 30 -7.35 -1.70 11.74
N LEU A 31 -7.74 -2.96 11.89
CA LEU A 31 -7.42 -3.96 10.88
C LEU A 31 -8.39 -3.82 9.70
N THR A 32 -9.51 -3.17 9.97
CA THR A 32 -10.58 -3.09 8.99
C THR A 32 -10.20 -2.16 7.84
N ILE A 33 -9.63 -1.02 8.20
CA ILE A 33 -9.30 0.00 7.21
C ILE A 33 -7.81 0.37 7.36
N PRO A 34 -7.09 0.27 6.21
CA PRO A 34 -5.68 0.63 6.19
C PRO A 34 -5.49 2.13 6.38
N VAL A 35 -4.30 2.50 6.83
CA VAL A 35 -4.08 3.82 7.37
C VAL A 35 -3.12 4.59 6.46
N LYS A 36 -2.38 3.83 5.66
CA LYS A 36 -1.48 4.42 4.69
C LYS A 36 -1.36 3.50 3.48
N ARG A 37 -1.20 4.11 2.31
CA ARG A 37 -1.08 3.35 1.09
C ARG A 37 -0.12 4.05 0.12
N GLY A 38 0.60 3.24 -0.65
CA GLY A 38 1.60 3.77 -1.55
C GLY A 38 2.15 2.66 -2.46
N CYS A 39 3.29 2.96 -3.08
CA CYS A 39 3.92 2.01 -3.97
C CYS A 39 5.12 1.39 -3.24
N ILE A 40 5.48 0.19 -3.65
CA ILE A 40 6.71 -0.44 -3.18
C ILE A 40 7.12 -1.55 -4.15
N ASP A 41 8.38 -1.92 -4.06
CA ASP A 41 8.91 -2.97 -4.92
C ASP A 41 8.73 -4.32 -4.24
N VAL A 42 9.20 -4.40 -3.01
CA VAL A 42 9.19 -5.66 -2.27
C VAL A 42 8.25 -5.53 -1.07
N CYS A 43 7.29 -6.45 -1.01
CA CYS A 43 6.27 -6.41 0.03
C CYS A 43 6.94 -6.78 1.36
N PRO A 44 6.87 -5.81 2.31
CA PRO A 44 7.45 -6.03 3.63
C PRO A 44 6.62 -7.02 4.44
N LYS A 45 7.31 -7.86 5.21
CA LYS A 45 6.65 -8.86 6.02
C LYS A 45 5.88 -8.17 7.14
N ASN A 46 4.90 -8.89 7.66
CA ASN A 46 3.98 -8.31 8.65
C ASN A 46 4.71 -8.15 9.98
N SER A 47 4.37 -7.06 10.67
CA SER A 47 4.93 -6.82 11.98
C SER A 47 3.86 -6.98 13.06
N LEU A 48 4.29 -6.84 14.30
CA LEU A 48 3.39 -7.04 15.43
C LEU A 48 2.46 -5.82 15.56
N LEU A 49 2.98 -4.68 15.13
CA LEU A 49 2.29 -3.41 15.35
C LEU A 49 1.43 -3.09 14.13
N VAL A 50 2.05 -3.21 12.96
CA VAL A 50 1.38 -2.84 11.72
C VAL A 50 1.41 -4.04 10.76
N LYS A 51 0.36 -4.14 9.97
CA LYS A 51 0.26 -5.21 8.99
C LYS A 51 0.46 -4.62 7.58
N TYR A 52 1.10 -5.41 6.73
CA TYR A 52 1.37 -4.97 5.37
C TYR A 52 0.68 -5.88 4.36
N VAL A 53 -0.06 -5.25 3.45
CA VAL A 53 -0.67 -5.96 2.35
C VAL A 53 -0.24 -5.33 1.03
N CYS A 54 0.20 -6.18 0.11
CA CYS A 54 0.65 -5.71 -1.19
C CYS A 54 -0.22 -6.38 -2.26
N CYS A 55 -0.34 -5.70 -3.39
CA CYS A 55 -1.02 -6.26 -4.54
C CYS A 55 -0.39 -5.69 -5.81
N ASN A 56 -0.32 -6.53 -6.83
CA ASN A 56 0.63 -6.31 -7.91
C ASN A 56 -0.10 -5.70 -9.11
N THR A 57 -1.11 -4.91 -8.80
CA THR A 57 -1.83 -4.19 -9.84
C THR A 57 -2.06 -2.74 -9.42
N ASP A 58 -2.57 -1.95 -10.36
CA ASP A 58 -2.68 -0.52 -10.15
C ASP A 58 -3.89 -0.21 -9.29
N ARG A 59 -3.70 0.70 -8.35
CA ARG A 59 -4.80 1.21 -7.55
C ARG A 59 -5.59 0.04 -6.94
N CYS A 60 -4.87 -1.01 -6.62
CA CYS A 60 -5.50 -2.21 -6.08
C CYS A 60 -5.60 -2.05 -4.56
N ASN A 61 -4.68 -1.27 -4.01
CA ASN A 61 -4.65 -1.04 -2.58
C ASN A 61 -5.48 0.20 -2.25
N MET A 1 5.71 4.52 -12.44
CA MET A 1 5.49 3.17 -12.91
C MET A 1 4.01 2.79 -12.85
N LEU A 2 3.65 2.11 -11.78
CA LEU A 2 2.26 1.80 -11.52
C LEU A 2 1.57 3.03 -10.92
N LYS A 3 0.29 2.86 -10.60
CA LYS A 3 -0.44 3.88 -9.88
C LYS A 3 -1.12 3.26 -8.66
N CYS A 4 -0.78 3.79 -7.49
CA CYS A 4 -1.33 3.28 -6.25
C CYS A 4 -2.19 4.38 -5.62
N ASN A 5 -2.99 3.97 -4.65
CA ASN A 5 -4.03 4.84 -4.12
C ASN A 5 -3.51 5.52 -2.85
N LYS A 6 -3.85 6.79 -2.72
CA LYS A 6 -3.56 7.52 -1.49
C LYS A 6 -4.49 7.01 -0.37
N LEU A 7 -4.32 7.58 0.80
CA LEU A 7 -5.20 7.29 1.92
C LEU A 7 -6.66 7.46 1.47
N VAL A 8 -6.89 8.50 0.68
CA VAL A 8 -8.19 8.72 0.09
C VAL A 8 -8.19 8.23 -1.35
N PRO A 9 -9.16 7.33 -1.65
CA PRO A 9 -9.10 6.54 -2.87
C PRO A 9 -9.19 7.43 -4.10
N ILE A 10 -9.59 8.66 -3.88
CA ILE A 10 -10.03 9.53 -4.95
C ILE A 10 -8.81 10.13 -5.65
N ALA A 11 -7.64 9.81 -5.10
CA ALA A 11 -6.40 10.33 -5.64
C ALA A 11 -5.32 9.23 -5.58
N TYR A 12 -4.53 9.15 -6.63
CA TYR A 12 -3.47 8.16 -6.71
C TYR A 12 -2.10 8.82 -6.78
N LYS A 13 -1.08 8.04 -6.44
CA LYS A 13 0.29 8.49 -6.60
C LYS A 13 0.97 7.64 -7.68
N THR A 14 1.85 8.28 -8.43
CA THR A 14 2.66 7.57 -9.42
C THR A 14 3.83 6.88 -8.72
N CYS A 15 3.99 5.60 -9.04
CA CYS A 15 5.00 4.78 -8.37
C CYS A 15 6.38 5.25 -8.83
N PRO A 16 7.35 5.19 -7.87
CA PRO A 16 8.73 5.54 -8.18
C PRO A 16 9.40 4.45 -9.01
N GLU A 17 10.41 4.84 -9.76
CA GLU A 17 11.16 3.90 -10.56
C GLU A 17 11.75 2.79 -9.68
N GLY A 18 11.54 1.56 -10.14
CA GLY A 18 12.06 0.41 -9.42
C GLY A 18 10.98 -0.21 -8.53
N LYS A 19 9.98 0.59 -8.23
CA LYS A 19 8.83 0.11 -7.47
C LYS A 19 7.72 -0.31 -8.44
N ASN A 20 6.94 -1.28 -8.00
CA ASN A 20 5.96 -1.91 -8.86
C ASN A 20 4.64 -2.07 -8.11
N LEU A 21 4.76 -2.58 -6.90
CA LEU A 21 3.60 -3.11 -6.20
C LEU A 21 2.90 -1.97 -5.44
N CYS A 22 1.64 -2.19 -5.14
CA CYS A 22 0.89 -1.26 -4.30
C CYS A 22 0.68 -1.91 -2.93
N TYR A 23 1.00 -1.14 -1.90
CA TYR A 23 0.92 -1.65 -0.54
C TYR A 23 -0.04 -0.80 0.31
N LYS A 24 -0.62 -1.44 1.31
CA LYS A 24 -1.39 -0.74 2.31
C LYS A 24 -0.97 -1.23 3.70
N MET A 25 -0.98 -0.31 4.66
CA MET A 25 -0.56 -0.63 6.01
C MET A 25 -1.72 -0.48 6.99
N PHE A 26 -1.81 -1.45 7.89
CA PHE A 26 -2.81 -1.40 8.95
C PHE A 26 -2.14 -1.22 10.32
N MET A 27 -2.96 -0.90 11.30
CA MET A 27 -2.55 -1.02 12.70
C MET A 27 -3.41 -2.05 13.43
N MET A 28 -2.76 -2.79 14.32
CA MET A 28 -3.43 -3.89 15.00
C MET A 28 -4.78 -3.46 15.56
N SER A 29 -4.88 -2.17 15.86
CA SER A 29 -6.16 -1.57 16.20
C SER A 29 -7.14 -1.72 15.02
N ASP A 30 -6.92 -0.87 14.01
CA ASP A 30 -7.83 -0.82 12.88
C ASP A 30 -7.34 -1.77 11.79
N LEU A 31 -7.73 -3.03 11.92
CA LEU A 31 -7.42 -4.02 10.91
C LEU A 31 -8.37 -3.86 9.73
N THR A 32 -9.49 -3.21 10.00
CA THR A 32 -10.56 -3.12 9.02
C THR A 32 -10.17 -2.17 7.88
N ILE A 33 -9.61 -1.03 8.26
CA ILE A 33 -9.29 0.01 7.30
C ILE A 33 -7.81 0.37 7.44
N PRO A 34 -7.10 0.31 6.27
CA PRO A 34 -5.68 0.65 6.24
C PRO A 34 -5.50 2.16 6.42
N VAL A 35 -4.30 2.53 6.87
CA VAL A 35 -4.06 3.86 7.39
C VAL A 35 -3.08 4.59 6.46
N LYS A 36 -2.34 3.81 5.71
CA LYS A 36 -1.39 4.36 4.76
C LYS A 36 -1.31 3.46 3.53
N ARG A 37 -1.18 4.10 2.38
CA ARG A 37 -1.03 3.36 1.13
C ARG A 37 -0.04 4.09 0.20
N GLY A 38 0.67 3.29 -0.59
CA GLY A 38 1.66 3.84 -1.49
C GLY A 38 2.24 2.74 -2.38
N CYS A 39 3.38 3.06 -2.99
CA CYS A 39 4.04 2.11 -3.88
C CYS A 39 5.24 1.52 -3.14
N ILE A 40 5.61 0.32 -3.56
CA ILE A 40 6.85 -0.29 -3.08
C ILE A 40 7.28 -1.38 -4.06
N ASP A 41 8.55 -1.74 -3.96
CA ASP A 41 9.12 -2.73 -4.86
C ASP A 41 8.94 -4.13 -4.24
N VAL A 42 9.36 -4.25 -3.00
CA VAL A 42 9.31 -5.53 -2.31
C VAL A 42 8.33 -5.43 -1.14
N CYS A 43 7.39 -6.35 -1.11
CA CYS A 43 6.35 -6.34 -0.10
C CYS A 43 6.98 -6.71 1.24
N PRO A 44 6.89 -5.76 2.21
CA PRO A 44 7.43 -5.98 3.54
C PRO A 44 6.59 -6.98 4.31
N LYS A 45 7.27 -7.82 5.08
CA LYS A 45 6.60 -8.83 5.87
C LYS A 45 5.83 -8.15 7.01
N ASN A 46 4.87 -8.89 7.55
CA ASN A 46 3.97 -8.33 8.54
C ASN A 46 4.71 -8.17 9.86
N SER A 47 4.37 -7.09 10.57
CA SER A 47 4.96 -6.83 11.88
C SER A 47 3.90 -7.00 12.97
N LEU A 48 4.35 -6.86 14.20
CA LEU A 48 3.48 -7.07 15.35
C LEU A 48 2.56 -5.86 15.51
N LEU A 49 3.04 -4.72 15.05
CA LEU A 49 2.35 -3.46 15.30
C LEU A 49 1.46 -3.14 14.10
N VAL A 50 2.05 -3.25 12.91
CA VAL A 50 1.35 -2.90 11.69
C VAL A 50 1.38 -4.08 10.73
N LYS A 51 0.31 -4.20 9.96
CA LYS A 51 0.20 -5.27 8.98
C LYS A 51 0.43 -4.69 7.57
N TYR A 52 1.06 -5.50 6.74
CA TYR A 52 1.38 -5.08 5.38
C TYR A 52 0.65 -5.94 4.35
N VAL A 53 -0.03 -5.26 3.44
CA VAL A 53 -0.64 -5.93 2.30
C VAL A 53 -0.16 -5.29 1.01
N CYS A 54 0.24 -6.13 0.07
CA CYS A 54 0.68 -5.66 -1.23
C CYS A 54 -0.18 -6.32 -2.30
N CYS A 55 -0.21 -5.68 -3.46
CA CYS A 55 -0.91 -6.24 -4.60
C CYS A 55 -0.30 -5.65 -5.88
N ASN A 56 -0.30 -6.46 -6.93
CA ASN A 56 0.57 -6.21 -8.06
C ASN A 56 -0.25 -5.65 -9.22
N THR A 57 -1.27 -4.87 -8.85
CA THR A 57 -2.08 -4.19 -9.84
C THR A 57 -2.32 -2.74 -9.42
N ASP A 58 -2.90 -1.98 -10.34
CA ASP A 58 -3.03 -0.54 -10.16
C ASP A 58 -4.25 -0.25 -9.28
N ARG A 59 -4.07 0.69 -8.36
CA ARG A 59 -5.18 1.18 -7.57
C ARG A 59 -5.91 0.02 -6.90
N CYS A 60 -5.14 -0.98 -6.51
CA CYS A 60 -5.70 -2.18 -5.90
C CYS A 60 -5.80 -1.94 -4.40
N ASN A 61 -4.89 -1.13 -3.89
CA ASN A 61 -4.85 -0.85 -2.46
C ASN A 61 -5.61 0.45 -2.18
N MET A 1 5.57 4.32 -15.13
CA MET A 1 5.38 4.06 -13.72
C MET A 1 3.91 3.74 -13.41
N LEU A 2 3.73 2.93 -12.38
CA LEU A 2 2.41 2.46 -12.02
C LEU A 2 1.72 3.51 -11.13
N LYS A 3 0.52 3.16 -10.70
CA LYS A 3 -0.25 4.06 -9.85
C LYS A 3 -0.79 3.28 -8.65
N CYS A 4 -0.63 3.88 -7.47
CA CYS A 4 -1.23 3.33 -6.27
C CYS A 4 -2.11 4.41 -5.63
N ASN A 5 -2.93 3.98 -4.68
CA ASN A 5 -3.96 4.84 -4.15
C ASN A 5 -3.46 5.51 -2.86
N LYS A 6 -3.81 6.77 -2.71
CA LYS A 6 -3.54 7.48 -1.47
C LYS A 6 -4.46 6.96 -0.37
N LEU A 7 -4.31 7.53 0.81
CA LEU A 7 -5.18 7.20 1.92
C LEU A 7 -6.64 7.37 1.49
N VAL A 8 -6.87 8.43 0.72
CA VAL A 8 -8.18 8.66 0.14
C VAL A 8 -8.19 8.20 -1.32
N PRO A 9 -9.17 7.33 -1.64
CA PRO A 9 -9.12 6.58 -2.89
C PRO A 9 -9.21 7.50 -4.10
N ILE A 10 -9.58 8.74 -3.82
CA ILE A 10 -10.00 9.66 -4.88
C ILE A 10 -8.76 10.27 -5.53
N ALA A 11 -7.60 9.90 -5.00
CA ALA A 11 -6.35 10.42 -5.51
C ALA A 11 -5.29 9.32 -5.45
N TYR A 12 -4.48 9.26 -6.50
CA TYR A 12 -3.43 8.26 -6.60
C TYR A 12 -2.04 8.92 -6.65
N LYS A 13 -1.04 8.13 -6.32
CA LYS A 13 0.34 8.57 -6.45
C LYS A 13 1.01 7.77 -7.58
N THR A 14 1.92 8.44 -8.27
CA THR A 14 2.76 7.77 -9.26
C THR A 14 3.90 7.03 -8.58
N CYS A 15 4.04 5.76 -8.94
CA CYS A 15 5.02 4.91 -8.29
C CYS A 15 6.41 5.35 -8.70
N PRO A 16 7.37 5.22 -7.73
CA PRO A 16 8.76 5.47 -8.02
C PRO A 16 9.36 4.35 -8.88
N GLU A 17 10.42 4.69 -9.60
CA GLU A 17 11.10 3.71 -10.43
C GLU A 17 11.58 2.53 -9.57
N GLY A 18 11.33 1.33 -10.09
CA GLY A 18 11.79 0.13 -9.42
C GLY A 18 10.66 -0.50 -8.59
N LYS A 19 9.67 0.34 -8.28
CA LYS A 19 8.51 -0.13 -7.54
C LYS A 19 7.41 -0.51 -8.54
N ASN A 20 6.56 -1.44 -8.12
CA ASN A 20 5.66 -2.10 -9.04
C ASN A 20 4.43 -2.59 -8.28
N LEU A 21 4.62 -2.84 -6.99
CA LEU A 21 3.54 -3.31 -6.14
C LEU A 21 2.87 -2.10 -5.46
N CYS A 22 1.61 -2.30 -5.10
CA CYS A 22 0.92 -1.34 -4.26
C CYS A 22 0.71 -1.97 -2.88
N TYR A 23 1.00 -1.19 -1.85
CA TYR A 23 0.91 -1.67 -0.49
C TYR A 23 -0.07 -0.82 0.33
N LYS A 24 -0.67 -1.47 1.33
CA LYS A 24 -1.44 -0.74 2.31
C LYS A 24 -1.04 -1.20 3.71
N MET A 25 -1.11 -0.28 4.65
CA MET A 25 -0.68 -0.55 6.01
C MET A 25 -1.87 -0.51 6.99
N PHE A 26 -1.89 -1.46 7.90
CA PHE A 26 -2.88 -1.47 8.95
C PHE A 26 -2.24 -1.30 10.32
N MET A 27 -3.08 -1.02 11.31
CA MET A 27 -2.67 -1.14 12.70
C MET A 27 -3.49 -2.21 13.42
N MET A 28 -2.83 -2.93 14.30
CA MET A 28 -3.45 -4.08 14.96
C MET A 28 -4.84 -3.72 15.50
N SER A 29 -4.98 -2.44 15.85
CA SER A 29 -6.28 -1.92 16.25
C SER A 29 -7.24 -1.96 15.05
N ASP A 30 -6.93 -1.13 14.06
CA ASP A 30 -7.81 -0.99 12.92
C ASP A 30 -7.34 -1.92 11.80
N LEU A 31 -7.76 -3.16 11.89
CA LEU A 31 -7.48 -4.14 10.84
C LEU A 31 -8.44 -3.92 9.67
N THR A 32 -9.53 -3.24 9.97
CA THR A 32 -10.61 -3.11 9.01
C THR A 32 -10.21 -2.14 7.88
N ILE A 33 -9.64 -1.02 8.29
CA ILE A 33 -9.31 0.04 7.34
C ILE A 33 -7.83 0.38 7.47
N PRO A 34 -7.13 0.32 6.30
CA PRO A 34 -5.72 0.65 6.26
C PRO A 34 -5.51 2.16 6.41
N VAL A 35 -4.30 2.52 6.83
CA VAL A 35 -4.05 3.86 7.33
C VAL A 35 -3.05 4.56 6.41
N LYS A 36 -2.32 3.76 5.65
CA LYS A 36 -1.35 4.29 4.72
C LYS A 36 -1.30 3.40 3.47
N ARG A 37 -1.15 4.05 2.32
CA ARG A 37 -1.04 3.32 1.07
C ARG A 37 -0.05 4.02 0.14
N GLY A 38 0.64 3.23 -0.66
CA GLY A 38 1.63 3.75 -1.58
C GLY A 38 2.19 2.65 -2.48
N CYS A 39 3.30 2.96 -3.13
CA CYS A 39 3.96 2.00 -4.00
C CYS A 39 5.15 1.40 -3.25
N ILE A 40 5.52 0.20 -3.65
CA ILE A 40 6.74 -0.41 -3.17
C ILE A 40 7.17 -1.52 -4.13
N ASP A 41 8.44 -1.88 -4.04
CA ASP A 41 9.00 -2.91 -4.91
C ASP A 41 8.83 -4.28 -4.25
N VAL A 42 9.28 -4.35 -3.00
CA VAL A 42 9.24 -5.60 -2.27
C VAL A 42 8.31 -5.47 -1.07
N CYS A 43 7.36 -6.40 -1.00
CA CYS A 43 6.33 -6.33 0.03
C CYS A 43 6.99 -6.66 1.37
N PRO A 44 6.87 -5.68 2.32
CA PRO A 44 7.46 -5.84 3.63
C PRO A 44 6.66 -6.85 4.47
N LYS A 45 7.41 -7.63 5.24
CA LYS A 45 6.78 -8.65 6.08
C LYS A 45 5.99 -7.97 7.19
N ASN A 46 5.02 -8.71 7.73
CA ASN A 46 4.10 -8.15 8.69
C ASN A 46 4.81 -7.96 10.03
N SER A 47 4.46 -6.88 10.71
CA SER A 47 5.04 -6.59 12.01
C SER A 47 3.99 -6.80 13.11
N LEU A 48 4.43 -6.63 14.35
CA LEU A 48 3.56 -6.86 15.49
C LEU A 48 2.59 -5.69 15.64
N LEU A 49 3.02 -4.54 15.14
CA LEU A 49 2.28 -3.31 15.35
C LEU A 49 1.40 -3.04 14.14
N VAL A 50 2.00 -3.14 12.97
CA VAL A 50 1.30 -2.81 11.73
C VAL A 50 1.37 -4.01 10.78
N LYS A 51 0.32 -4.16 10.00
CA LYS A 51 0.26 -5.24 9.02
C LYS A 51 0.44 -4.66 7.62
N TYR A 52 1.10 -5.44 6.77
CA TYR A 52 1.39 -4.99 5.42
C TYR A 52 0.69 -5.89 4.40
N VAL A 53 -0.04 -5.25 3.49
CA VAL A 53 -0.64 -5.96 2.37
C VAL A 53 -0.19 -5.32 1.06
N CYS A 54 0.26 -6.16 0.16
CA CYS A 54 0.70 -5.69 -1.15
C CYS A 54 -0.16 -6.37 -2.21
N CYS A 55 -0.23 -5.73 -3.38
CA CYS A 55 -0.93 -6.30 -4.52
C CYS A 55 -0.33 -5.73 -5.80
N ASN A 56 -0.30 -6.56 -6.82
CA ASN A 56 0.63 -6.35 -7.93
C ASN A 56 -0.13 -5.74 -9.12
N THR A 57 -1.13 -4.93 -8.78
CA THR A 57 -1.88 -4.22 -9.81
C THR A 57 -2.11 -2.77 -9.39
N ASP A 58 -2.64 -1.99 -10.32
CA ASP A 58 -2.76 -0.56 -10.12
C ASP A 58 -3.99 -0.26 -9.27
N ARG A 59 -3.83 0.69 -8.36
CA ARG A 59 -4.96 1.19 -7.58
C ARG A 59 -5.71 0.03 -6.93
N CYS A 60 -4.94 -0.99 -6.55
CA CYS A 60 -5.53 -2.19 -5.99
C CYS A 60 -5.68 -1.97 -4.48
N ASN A 61 -4.77 -1.18 -3.93
CA ASN A 61 -4.76 -0.92 -2.49
C ASN A 61 -5.57 0.34 -2.20
N MET A 1 5.44 3.90 -15.22
CA MET A 1 5.42 4.09 -13.77
C MET A 1 4.00 3.95 -13.22
N LEU A 2 3.83 2.91 -12.40
CA LEU A 2 2.50 2.44 -12.08
C LEU A 2 1.78 3.47 -11.19
N LYS A 3 0.56 3.14 -10.82
CA LYS A 3 -0.22 4.02 -9.98
C LYS A 3 -0.77 3.23 -8.79
N CYS A 4 -0.56 3.79 -7.60
CA CYS A 4 -1.14 3.23 -6.40
C CYS A 4 -1.99 4.31 -5.71
N ASN A 5 -2.80 3.87 -4.78
CA ASN A 5 -3.75 4.76 -4.14
C ASN A 5 -3.19 5.24 -2.80
N LYS A 6 -3.46 6.51 -2.50
CA LYS A 6 -3.05 7.07 -1.23
C LYS A 6 -4.17 6.86 -0.20
N LEU A 7 -3.93 7.36 1.01
CA LEU A 7 -4.92 7.28 2.06
C LEU A 7 -6.27 7.76 1.53
N VAL A 8 -6.22 8.83 0.75
CA VAL A 8 -7.39 9.31 0.06
C VAL A 8 -7.71 8.37 -1.11
N PRO A 9 -8.92 7.76 -1.05
CA PRO A 9 -9.25 6.65 -1.92
C PRO A 9 -9.63 7.13 -3.32
N ILE A 10 -9.68 8.45 -3.46
CA ILE A 10 -10.02 9.06 -4.73
C ILE A 10 -8.80 9.80 -5.29
N ALA A 11 -7.64 9.40 -4.80
CA ALA A 11 -6.40 10.00 -5.25
C ALA A 11 -5.31 8.92 -5.36
N TYR A 12 -4.67 8.90 -6.51
CA TYR A 12 -3.51 8.01 -6.70
C TYR A 12 -2.25 8.83 -6.97
N LYS A 13 -1.12 8.23 -6.64
CA LYS A 13 0.17 8.83 -6.94
C LYS A 13 0.99 7.87 -7.79
N THR A 14 1.90 8.45 -8.57
CA THR A 14 2.75 7.65 -9.45
C THR A 14 3.84 6.96 -8.65
N CYS A 15 4.04 5.68 -8.97
CA CYS A 15 5.01 4.87 -8.25
C CYS A 15 6.41 5.36 -8.62
N PRO A 16 7.33 5.28 -7.62
CA PRO A 16 8.74 5.56 -7.87
C PRO A 16 9.38 4.46 -8.71
N GLU A 17 10.46 4.82 -9.38
CA GLU A 17 11.15 3.89 -10.25
C GLU A 17 11.58 2.65 -9.47
N GLY A 18 11.29 1.50 -10.05
CA GLY A 18 11.72 0.24 -9.46
C GLY A 18 10.60 -0.39 -8.64
N LYS A 19 9.64 0.44 -8.28
CA LYS A 19 8.48 -0.04 -7.56
C LYS A 19 7.38 -0.44 -8.55
N ASN A 20 6.54 -1.36 -8.12
CA ASN A 20 5.64 -2.03 -9.04
C ASN A 20 4.39 -2.48 -8.27
N LEU A 21 4.59 -2.80 -7.00
CA LEU A 21 3.51 -3.30 -6.17
C LEU A 21 2.84 -2.13 -5.46
N CYS A 22 1.58 -2.34 -5.11
CA CYS A 22 0.86 -1.37 -4.29
C CYS A 22 0.65 -1.99 -2.91
N TYR A 23 0.96 -1.21 -1.88
CA TYR A 23 0.87 -1.68 -0.52
C TYR A 23 -0.07 -0.81 0.31
N LYS A 24 -0.68 -1.43 1.32
CA LYS A 24 -1.45 -0.70 2.30
C LYS A 24 -1.07 -1.17 3.70
N MET A 25 -1.13 -0.23 4.64
CA MET A 25 -0.70 -0.51 6.01
C MET A 25 -1.90 -0.50 6.95
N PHE A 26 -1.89 -1.46 7.87
CA PHE A 26 -2.91 -1.51 8.91
C PHE A 26 -2.28 -1.31 10.29
N MET A 27 -3.14 -1.06 11.27
CA MET A 27 -2.76 -1.19 12.66
C MET A 27 -3.58 -2.27 13.36
N MET A 28 -2.91 -3.01 14.23
CA MET A 28 -3.51 -4.18 14.85
C MET A 28 -4.91 -3.87 15.37
N SER A 29 -5.07 -2.63 15.80
CA SER A 29 -6.39 -2.14 16.19
C SER A 29 -7.33 -2.12 14.98
N ASP A 30 -7.01 -1.23 14.05
CA ASP A 30 -7.88 -1.00 12.90
C ASP A 30 -7.42 -1.91 11.76
N LEU A 31 -7.87 -3.16 11.82
CA LEU A 31 -7.60 -4.09 10.74
C LEU A 31 -8.56 -3.84 9.58
N THR A 32 -9.64 -3.13 9.90
CA THR A 32 -10.73 -2.94 8.95
C THR A 32 -10.30 -1.96 7.85
N ILE A 33 -9.70 -0.86 8.28
CA ILE A 33 -9.34 0.20 7.36
C ILE A 33 -7.85 0.51 7.48
N PRO A 34 -7.16 0.44 6.31
CA PRO A 34 -5.73 0.74 6.28
C PRO A 34 -5.47 2.23 6.45
N VAL A 35 -4.25 2.55 6.86
CA VAL A 35 -3.96 3.87 7.40
C VAL A 35 -2.99 4.60 6.48
N LYS A 36 -2.29 3.82 5.66
CA LYS A 36 -1.40 4.39 4.67
C LYS A 36 -1.35 3.47 3.45
N ARG A 37 -1.22 4.10 2.29
CA ARG A 37 -1.10 3.34 1.04
C ARG A 37 -0.13 4.03 0.09
N GLY A 38 0.59 3.22 -0.66
CA GLY A 38 1.60 3.74 -1.57
C GLY A 38 2.16 2.63 -2.45
N CYS A 39 3.30 2.91 -3.07
CA CYS A 39 3.95 1.96 -3.95
C CYS A 39 5.14 1.35 -3.20
N ILE A 40 5.51 0.15 -3.62
CA ILE A 40 6.77 -0.44 -3.18
C ILE A 40 7.17 -1.54 -4.16
N ASP A 41 8.44 -1.90 -4.11
CA ASP A 41 8.97 -2.92 -4.99
C ASP A 41 8.84 -4.29 -4.31
N VAL A 42 9.28 -4.34 -3.06
CA VAL A 42 9.24 -5.57 -2.30
C VAL A 42 8.27 -5.43 -1.13
N CYS A 43 7.34 -6.36 -1.05
CA CYS A 43 6.30 -6.30 -0.04
C CYS A 43 6.94 -6.55 1.33
N PRO A 44 6.77 -5.57 2.24
CA PRO A 44 7.34 -5.66 3.58
C PRO A 44 6.61 -6.69 4.42
N LYS A 45 7.37 -7.43 5.21
CA LYS A 45 6.81 -8.47 6.05
C LYS A 45 6.01 -7.82 7.18
N ASN A 46 5.07 -8.60 7.71
CA ASN A 46 4.14 -8.07 8.69
C ASN A 46 4.86 -7.86 10.03
N SER A 47 4.48 -6.79 10.71
CA SER A 47 5.04 -6.51 12.02
C SER A 47 3.98 -6.75 13.10
N LEU A 48 4.42 -6.57 14.35
CA LEU A 48 3.54 -6.83 15.48
C LEU A 48 2.55 -5.66 15.62
N LEU A 49 2.97 -4.52 15.13
CA LEU A 49 2.21 -3.29 15.34
C LEU A 49 1.31 -3.03 14.14
N VAL A 50 1.93 -3.10 12.96
CA VAL A 50 1.22 -2.79 11.73
C VAL A 50 1.32 -3.97 10.77
N LYS A 51 0.25 -4.15 10.01
CA LYS A 51 0.21 -5.22 9.02
C LYS A 51 0.41 -4.64 7.62
N TYR A 52 1.07 -5.41 6.78
CA TYR A 52 1.36 -4.96 5.43
C TYR A 52 0.68 -5.85 4.39
N VAL A 53 -0.05 -5.21 3.50
CA VAL A 53 -0.67 -5.92 2.38
C VAL A 53 -0.21 -5.28 1.07
N CYS A 54 0.22 -6.13 0.15
CA CYS A 54 0.66 -5.68 -1.16
C CYS A 54 -0.21 -6.36 -2.22
N CYS A 55 -0.24 -5.75 -3.40
CA CYS A 55 -0.92 -6.35 -4.54
C CYS A 55 -0.31 -5.78 -5.82
N ASN A 56 -0.31 -6.60 -6.85
CA ASN A 56 0.61 -6.40 -7.96
C ASN A 56 -0.16 -5.82 -9.14
N THR A 57 -1.15 -4.99 -8.83
CA THR A 57 -1.89 -4.29 -9.85
C THR A 57 -2.11 -2.83 -9.43
N ASP A 58 -2.62 -2.05 -10.37
CA ASP A 58 -2.74 -0.61 -10.17
C ASP A 58 -3.98 -0.31 -9.32
N ARG A 59 -3.81 0.64 -8.41
CA ARG A 59 -4.93 1.15 -7.65
C ARG A 59 -5.70 -0.01 -7.01
N CYS A 60 -4.94 -1.02 -6.60
CA CYS A 60 -5.55 -2.22 -6.03
C CYS A 60 -5.71 -2.00 -4.52
N ASN A 61 -4.81 -1.19 -3.97
CA ASN A 61 -4.84 -0.90 -2.55
C ASN A 61 -5.64 0.37 -2.32
N MET A 1 6.09 1.87 -13.71
CA MET A 1 5.74 2.78 -12.63
C MET A 1 4.24 2.87 -12.44
N LEU A 2 3.71 1.94 -11.65
CA LEU A 2 2.27 1.75 -11.56
C LEU A 2 1.65 2.95 -10.84
N LYS A 3 0.34 2.88 -10.67
CA LYS A 3 -0.37 3.87 -9.89
C LYS A 3 -1.02 3.20 -8.67
N CYS A 4 -0.75 3.78 -7.51
CA CYS A 4 -1.32 3.27 -6.27
C CYS A 4 -2.16 4.38 -5.63
N ASN A 5 -2.98 3.99 -4.67
CA ASN A 5 -3.94 4.91 -4.08
C ASN A 5 -3.35 5.49 -2.79
N LYS A 6 -3.67 6.76 -2.56
CA LYS A 6 -3.33 7.40 -1.30
C LYS A 6 -4.33 6.96 -0.23
N LEU A 7 -4.09 7.45 0.98
CA LEU A 7 -5.08 7.34 2.04
C LEU A 7 -6.43 7.86 1.52
N VAL A 8 -6.34 8.91 0.71
CA VAL A 8 -7.51 9.40 -0.01
C VAL A 8 -7.76 8.52 -1.22
N PRO A 9 -8.96 7.89 -1.25
CA PRO A 9 -9.22 6.79 -2.16
C PRO A 9 -9.57 7.30 -3.56
N ILE A 10 -9.65 8.62 -3.65
CA ILE A 10 -9.98 9.25 -4.93
C ILE A 10 -8.76 10.02 -5.44
N ALA A 11 -7.61 9.64 -4.93
CA ALA A 11 -6.36 10.23 -5.37
C ALA A 11 -5.26 9.16 -5.40
N TYR A 12 -4.54 9.13 -6.51
CA TYR A 12 -3.47 8.15 -6.68
C TYR A 12 -2.11 8.84 -6.80
N LYS A 13 -1.07 8.08 -6.49
CA LYS A 13 0.29 8.53 -6.76
C LYS A 13 0.95 7.59 -7.76
N THR A 14 1.87 8.15 -8.53
CA THR A 14 2.71 7.35 -9.40
C THR A 14 3.86 6.72 -8.61
N CYS A 15 4.05 5.43 -8.83
CA CYS A 15 5.07 4.70 -8.11
C CYS A 15 6.44 5.15 -8.61
N PRO A 16 7.44 5.12 -7.68
CA PRO A 16 8.79 5.51 -8.03
C PRO A 16 9.47 4.45 -8.90
N GLU A 17 10.49 4.89 -9.62
CA GLU A 17 11.23 3.98 -10.49
C GLU A 17 11.80 2.82 -9.67
N GLY A 18 11.61 1.63 -10.20
CA GLY A 18 12.11 0.43 -9.54
C GLY A 18 11.03 -0.19 -8.65
N LYS A 19 10.04 0.62 -8.33
CA LYS A 19 8.90 0.15 -7.54
C LYS A 19 7.74 -0.17 -8.49
N ASN A 20 6.92 -1.12 -8.07
CA ASN A 20 5.86 -1.63 -8.92
C ASN A 20 4.57 -1.76 -8.09
N LEU A 21 4.71 -2.42 -6.95
CA LEU A 21 3.56 -3.01 -6.30
C LEU A 21 2.87 -1.95 -5.44
N CYS A 22 1.60 -2.18 -5.15
CA CYS A 22 0.83 -1.27 -4.32
C CYS A 22 0.61 -1.94 -2.96
N TYR A 23 0.94 -1.19 -1.91
CA TYR A 23 0.82 -1.71 -0.55
C TYR A 23 -0.10 -0.84 0.29
N LYS A 24 -0.70 -1.47 1.29
CA LYS A 24 -1.48 -0.74 2.28
C LYS A 24 -1.08 -1.19 3.68
N MET A 25 -1.18 -0.25 4.62
CA MET A 25 -0.76 -0.53 5.99
C MET A 25 -1.97 -0.51 6.93
N PHE A 26 -1.98 -1.47 7.85
CA PHE A 26 -2.98 -1.49 8.91
C PHE A 26 -2.32 -1.31 10.27
N MET A 27 -3.18 -1.07 11.27
CA MET A 27 -2.75 -1.18 12.66
C MET A 27 -3.55 -2.26 13.38
N MET A 28 -2.85 -2.98 14.25
CA MET A 28 -3.43 -4.16 14.88
C MET A 28 -4.82 -3.85 15.44
N SER A 29 -4.99 -2.60 15.86
CA SER A 29 -6.29 -2.12 16.26
C SER A 29 -7.24 -2.12 15.06
N ASP A 30 -6.94 -1.26 14.10
CA ASP A 30 -7.80 -1.09 12.94
C ASP A 30 -7.32 -2.00 11.82
N LEU A 31 -7.72 -3.26 11.90
CA LEU A 31 -7.46 -4.20 10.82
C LEU A 31 -8.46 -3.97 9.69
N THR A 32 -9.54 -3.29 10.03
CA THR A 32 -10.66 -3.15 9.10
C THR A 32 -10.29 -2.19 7.97
N ILE A 33 -9.67 -1.08 8.35
CA ILE A 33 -9.36 -0.03 7.39
C ILE A 33 -7.88 0.32 7.49
N PRO A 34 -7.19 0.25 6.31
CA PRO A 34 -5.79 0.61 6.24
C PRO A 34 -5.60 2.12 6.40
N VAL A 35 -4.40 2.50 6.81
CA VAL A 35 -4.16 3.83 7.32
C VAL A 35 -3.18 4.56 6.40
N LYS A 36 -2.44 3.78 5.63
CA LYS A 36 -1.50 4.33 4.67
C LYS A 36 -1.46 3.44 3.44
N ARG A 37 -1.26 4.08 2.29
CA ARG A 37 -1.16 3.35 1.04
C ARG A 37 -0.17 4.05 0.11
N GLY A 38 0.60 3.23 -0.61
CA GLY A 38 1.65 3.76 -1.46
C GLY A 38 2.25 2.67 -2.34
N CYS A 39 3.41 2.95 -2.90
CA CYS A 39 4.06 2.02 -3.81
C CYS A 39 5.27 1.42 -3.08
N ILE A 40 5.66 0.23 -3.52
CA ILE A 40 6.92 -0.35 -3.12
C ILE A 40 7.33 -1.43 -4.12
N ASP A 41 8.60 -1.78 -4.07
CA ASP A 41 9.12 -2.79 -4.99
C ASP A 41 8.95 -4.17 -4.38
N VAL A 42 9.36 -4.29 -3.12
CA VAL A 42 9.26 -5.56 -2.42
C VAL A 42 8.30 -5.41 -1.25
N CYS A 43 7.35 -6.32 -1.17
CA CYS A 43 6.30 -6.23 -0.17
C CYS A 43 6.92 -6.48 1.21
N PRO A 44 6.75 -5.47 2.11
CA PRO A 44 7.30 -5.56 3.45
C PRO A 44 6.55 -6.61 4.27
N LYS A 45 7.32 -7.38 5.03
CA LYS A 45 6.74 -8.43 5.86
C LYS A 45 5.94 -7.78 7.00
N ASN A 46 5.01 -8.55 7.53
CA ASN A 46 4.09 -8.03 8.52
C ASN A 46 4.84 -7.81 9.84
N SER A 47 4.47 -6.73 10.52
CA SER A 47 5.06 -6.42 11.81
C SER A 47 4.03 -6.65 12.94
N LEU A 48 4.51 -6.51 14.16
CA LEU A 48 3.67 -6.78 15.31
C LEU A 48 2.67 -5.63 15.50
N LEU A 49 3.06 -4.47 14.99
CA LEU A 49 2.30 -3.25 15.24
C LEU A 49 1.38 -3.00 14.04
N VAL A 50 1.97 -3.07 12.85
CA VAL A 50 1.25 -2.74 11.64
C VAL A 50 1.33 -3.93 10.67
N LYS A 51 0.27 -4.11 9.91
CA LYS A 51 0.22 -5.18 8.94
C LYS A 51 0.41 -4.61 7.54
N TYR A 52 1.06 -5.40 6.69
CA TYR A 52 1.36 -4.96 5.33
C TYR A 52 0.68 -5.88 4.31
N VAL A 53 -0.09 -5.24 3.42
CA VAL A 53 -0.65 -5.96 2.29
C VAL A 53 -0.20 -5.29 1.00
N CYS A 54 0.21 -6.13 0.05
CA CYS A 54 0.63 -5.63 -1.25
C CYS A 54 -0.25 -6.30 -2.32
N CYS A 55 -0.25 -5.69 -3.49
CA CYS A 55 -0.98 -6.24 -4.62
C CYS A 55 -0.39 -5.66 -5.91
N ASN A 56 -0.44 -6.47 -6.95
CA ASN A 56 0.44 -6.26 -8.09
C ASN A 56 -0.36 -5.68 -9.26
N THR A 57 -1.34 -4.86 -8.90
CA THR A 57 -2.13 -4.16 -9.90
C THR A 57 -2.37 -2.71 -9.48
N ASP A 58 -2.94 -1.95 -10.40
CA ASP A 58 -3.06 -0.51 -10.20
C ASP A 58 -4.27 -0.23 -9.30
N ARG A 59 -4.09 0.71 -8.39
CA ARG A 59 -5.20 1.19 -7.58
C ARG A 59 -5.92 0.02 -6.92
N CYS A 60 -5.13 -0.99 -6.56
CA CYS A 60 -5.69 -2.19 -5.96
C CYS A 60 -5.82 -1.97 -4.46
N ASN A 61 -4.90 -1.17 -3.94
CA ASN A 61 -4.88 -0.89 -2.51
C ASN A 61 -5.66 0.40 -2.24
N MET A 1 5.52 5.50 -14.15
CA MET A 1 5.44 4.14 -13.63
C MET A 1 3.98 3.74 -13.38
N LEU A 2 3.80 2.82 -12.44
CA LEU A 2 2.49 2.36 -12.07
C LEU A 2 1.81 3.40 -11.18
N LYS A 3 0.60 3.07 -10.75
CA LYS A 3 -0.16 3.98 -9.90
C LYS A 3 -0.70 3.20 -8.70
N CYS A 4 -0.55 3.80 -7.53
CA CYS A 4 -1.12 3.24 -6.32
C CYS A 4 -2.00 4.31 -5.66
N ASN A 5 -2.79 3.87 -4.70
CA ASN A 5 -3.82 4.72 -4.13
C ASN A 5 -3.29 5.37 -2.85
N LYS A 6 -3.69 6.61 -2.63
CA LYS A 6 -3.39 7.29 -1.39
C LYS A 6 -4.39 6.85 -0.32
N LEU A 7 -4.21 7.40 0.88
CA LEU A 7 -5.21 7.25 1.92
C LEU A 7 -6.58 7.69 1.39
N VAL A 8 -6.56 8.76 0.62
CA VAL A 8 -7.74 9.16 -0.13
C VAL A 8 -7.92 8.25 -1.34
N PRO A 9 -9.09 7.56 -1.37
CA PRO A 9 -9.27 6.45 -2.30
C PRO A 9 -9.62 6.96 -3.69
N ILE A 10 -9.76 8.27 -3.80
CA ILE A 10 -10.08 8.89 -5.08
C ILE A 10 -8.88 9.71 -5.55
N ALA A 11 -7.72 9.37 -5.01
CA ALA A 11 -6.49 10.02 -5.42
C ALA A 11 -5.35 9.01 -5.41
N TYR A 12 -4.58 9.01 -6.49
CA TYR A 12 -3.47 8.08 -6.62
C TYR A 12 -2.15 8.83 -6.75
N LYS A 13 -1.07 8.12 -6.45
CA LYS A 13 0.26 8.64 -6.69
C LYS A 13 0.97 7.77 -7.74
N THR A 14 1.85 8.41 -8.51
CA THR A 14 2.69 7.69 -9.43
C THR A 14 3.84 7.00 -8.68
N CYS A 15 4.05 5.73 -9.02
CA CYS A 15 5.03 4.93 -8.32
C CYS A 15 6.42 5.43 -8.70
N PRO A 16 7.38 5.27 -7.73
CA PRO A 16 8.77 5.55 -8.01
C PRO A 16 9.38 4.47 -8.90
N GLU A 17 10.43 4.85 -9.60
CA GLU A 17 11.13 3.93 -10.48
C GLU A 17 11.63 2.72 -9.69
N GLY A 18 11.36 1.54 -10.23
CA GLY A 18 11.85 0.31 -9.64
C GLY A 18 10.77 -0.33 -8.76
N LYS A 19 9.81 0.49 -8.37
CA LYS A 19 8.69 0.00 -7.56
C LYS A 19 7.55 -0.44 -8.50
N ASN A 20 6.80 -1.42 -8.03
CA ASN A 20 5.82 -2.07 -8.88
C ASN A 20 4.52 -2.27 -8.09
N LEU A 21 4.68 -2.80 -6.88
CA LEU A 21 3.55 -3.29 -6.13
C LEU A 21 2.90 -2.14 -5.36
N CYS A 22 1.62 -2.32 -5.04
CA CYS A 22 0.92 -1.35 -4.22
C CYS A 22 0.69 -1.97 -2.84
N TYR A 23 1.01 -1.19 -1.81
CA TYR A 23 0.94 -1.69 -0.45
C TYR A 23 -0.01 -0.82 0.39
N LYS A 24 -0.61 -1.46 1.38
CA LYS A 24 -1.41 -0.73 2.36
C LYS A 24 -1.03 -1.23 3.77
N MET A 25 -0.98 -0.29 4.69
CA MET A 25 -0.58 -0.59 6.05
C MET A 25 -1.76 -0.46 7.02
N PHE A 26 -1.85 -1.43 7.93
CA PHE A 26 -2.85 -1.37 8.98
C PHE A 26 -2.19 -1.20 10.36
N MET A 27 -3.02 -0.90 11.35
CA MET A 27 -2.61 -1.02 12.73
C MET A 27 -3.46 -2.07 13.46
N MET A 28 -2.81 -2.81 14.34
CA MET A 28 -3.46 -3.92 15.01
C MET A 28 -4.83 -3.51 15.54
N SER A 29 -4.96 -2.23 15.87
CA SER A 29 -6.24 -1.67 16.21
C SER A 29 -7.20 -1.79 15.01
N ASP A 30 -6.98 -0.93 14.03
CA ASP A 30 -7.87 -0.85 12.88
C ASP A 30 -7.36 -1.79 11.79
N LEU A 31 -7.75 -3.05 11.91
CA LEU A 31 -7.44 -4.03 10.88
C LEU A 31 -8.40 -3.86 9.69
N THR A 32 -9.52 -3.20 9.98
CA THR A 32 -10.59 -3.10 9.00
C THR A 32 -10.20 -2.16 7.88
N ILE A 33 -9.63 -1.03 8.26
CA ILE A 33 -9.31 0.02 7.29
C ILE A 33 -7.82 0.38 7.42
N PRO A 34 -7.12 0.31 6.27
CA PRO A 34 -5.71 0.67 6.23
C PRO A 34 -5.51 2.17 6.40
N VAL A 35 -4.32 2.53 6.84
CA VAL A 35 -4.09 3.87 7.36
C VAL A 35 -3.13 4.61 6.42
N LYS A 36 -2.36 3.83 5.68
CA LYS A 36 -1.41 4.40 4.73
C LYS A 36 -1.32 3.47 3.51
N ARG A 37 -1.14 4.10 2.35
CA ARG A 37 -1.02 3.37 1.11
C ARG A 37 -0.04 4.07 0.17
N GLY A 38 0.68 3.25 -0.59
CA GLY A 38 1.69 3.78 -1.50
C GLY A 38 2.25 2.67 -2.39
N CYS A 39 3.39 2.97 -3.01
CA CYS A 39 4.03 2.02 -3.89
C CYS A 39 5.22 1.41 -3.15
N ILE A 40 5.58 0.20 -3.57
CA ILE A 40 6.82 -0.41 -3.12
C ILE A 40 7.22 -1.52 -4.10
N ASP A 41 8.49 -1.89 -4.03
CA ASP A 41 9.02 -2.89 -4.93
C ASP A 41 8.86 -4.28 -4.28
N VAL A 42 9.28 -4.37 -3.03
CA VAL A 42 9.23 -5.64 -2.33
C VAL A 42 8.25 -5.51 -1.15
N CYS A 43 7.31 -6.44 -1.10
CA CYS A 43 6.27 -6.40 -0.09
C CYS A 43 6.91 -6.73 1.26
N PRO A 44 6.78 -5.76 2.21
CA PRO A 44 7.34 -5.93 3.53
C PRO A 44 6.53 -6.95 4.34
N LYS A 45 7.24 -7.74 5.12
CA LYS A 45 6.60 -8.76 5.94
C LYS A 45 5.82 -8.08 7.07
N ASN A 46 4.88 -8.81 7.63
CA ASN A 46 3.98 -8.26 8.62
C ASN A 46 4.73 -8.07 9.94
N SER A 47 4.37 -7.01 10.64
CA SER A 47 4.95 -6.73 11.94
C SER A 47 3.91 -6.92 13.04
N LEU A 48 4.35 -6.76 14.28
CA LEU A 48 3.49 -6.99 15.42
C LEU A 48 2.54 -5.80 15.58
N LEU A 49 3.00 -4.64 15.12
CA LEU A 49 2.30 -3.40 15.37
C LEU A 49 1.41 -3.08 14.16
N VAL A 50 2.00 -3.19 12.98
CA VAL A 50 1.31 -2.84 11.75
C VAL A 50 1.34 -4.02 10.80
N LYS A 51 0.27 -4.15 10.02
CA LYS A 51 0.18 -5.23 9.05
C LYS A 51 0.40 -4.66 7.65
N TYR A 52 1.03 -5.47 6.81
CA TYR A 52 1.35 -5.05 5.46
C TYR A 52 0.63 -5.92 4.43
N VAL A 53 -0.07 -5.27 3.52
CA VAL A 53 -0.68 -5.96 2.41
C VAL A 53 -0.22 -5.32 1.09
N CYS A 54 0.18 -6.17 0.16
CA CYS A 54 0.61 -5.70 -1.14
C CYS A 54 -0.27 -6.36 -2.20
N CYS A 55 -0.32 -5.72 -3.36
CA CYS A 55 -1.04 -6.29 -4.49
C CYS A 55 -0.42 -5.73 -5.78
N ASN A 56 -0.45 -6.55 -6.81
CA ASN A 56 0.47 -6.38 -7.93
C ASN A 56 -0.31 -5.79 -9.12
N THR A 57 -1.29 -4.96 -8.80
CA THR A 57 -2.03 -4.25 -9.82
C THR A 57 -2.22 -2.79 -9.41
N ASP A 58 -2.72 -2.00 -10.35
CA ASP A 58 -2.78 -0.56 -10.18
C ASP A 58 -4.00 -0.21 -9.31
N ARG A 59 -3.79 0.74 -8.41
CA ARG A 59 -4.90 1.27 -7.63
C ARG A 59 -5.67 0.14 -6.97
N CYS A 60 -4.93 -0.90 -6.58
CA CYS A 60 -5.55 -2.08 -6.00
C CYS A 60 -5.71 -1.85 -4.49
N ASN A 61 -4.80 -1.06 -3.95
CA ASN A 61 -4.80 -0.79 -2.53
C ASN A 61 -5.53 0.53 -2.25
N MET A 1 5.73 4.73 -14.09
CA MET A 1 5.60 3.57 -13.23
C MET A 1 4.13 3.32 -12.89
N LEU A 2 3.92 2.39 -11.97
CA LEU A 2 2.57 1.96 -11.62
C LEU A 2 1.84 3.12 -10.94
N LYS A 3 0.57 2.87 -10.65
CA LYS A 3 -0.23 3.85 -9.94
C LYS A 3 -0.93 3.16 -8.74
N CYS A 4 -0.64 3.68 -7.57
CA CYS A 4 -1.23 3.14 -6.35
C CYS A 4 -2.06 4.25 -5.69
N ASN A 5 -2.90 3.82 -4.76
CA ASN A 5 -3.84 4.73 -4.12
C ASN A 5 -3.25 5.23 -2.80
N LYS A 6 -3.48 6.51 -2.53
CA LYS A 6 -3.07 7.09 -1.27
C LYS A 6 -4.16 6.89 -0.22
N LEU A 7 -3.91 7.40 0.97
CA LEU A 7 -4.88 7.33 2.05
C LEU A 7 -6.25 7.80 1.52
N VAL A 8 -6.20 8.84 0.71
CA VAL A 8 -7.39 9.28 -0.01
C VAL A 8 -7.69 8.32 -1.15
N PRO A 9 -8.89 7.68 -1.07
CA PRO A 9 -9.19 6.55 -1.92
C PRO A 9 -9.60 7.00 -3.33
N ILE A 10 -9.68 8.32 -3.48
CA ILE A 10 -10.05 8.89 -4.76
C ILE A 10 -8.85 9.64 -5.35
N ALA A 11 -7.67 9.28 -4.88
CA ALA A 11 -6.44 9.88 -5.36
C ALA A 11 -5.35 8.82 -5.44
N TYR A 12 -4.71 8.77 -6.60
CA TYR A 12 -3.56 7.89 -6.79
C TYR A 12 -2.29 8.71 -7.06
N LYS A 13 -1.16 8.11 -6.71
CA LYS A 13 0.13 8.71 -7.05
C LYS A 13 0.95 7.68 -7.83
N THR A 14 1.81 8.21 -8.70
CA THR A 14 2.68 7.37 -9.50
C THR A 14 3.80 6.77 -8.63
N CYS A 15 4.08 5.51 -8.87
CA CYS A 15 5.08 4.81 -8.08
C CYS A 15 6.46 5.37 -8.43
N PRO A 16 7.39 5.27 -7.44
CA PRO A 16 8.78 5.64 -7.67
C PRO A 16 9.48 4.59 -8.56
N GLU A 17 10.53 5.05 -9.21
CA GLU A 17 11.27 4.18 -10.12
C GLU A 17 11.76 2.93 -9.39
N GLY A 18 11.47 1.78 -10.00
CA GLY A 18 11.94 0.52 -9.47
C GLY A 18 10.87 -0.16 -8.61
N LYS A 19 9.88 0.63 -8.24
CA LYS A 19 8.76 0.11 -7.47
C LYS A 19 7.61 -0.24 -8.42
N ASN A 20 6.85 -1.25 -8.04
CA ASN A 20 5.86 -1.84 -8.93
C ASN A 20 4.57 -2.06 -8.16
N LEU A 21 4.70 -2.63 -6.97
CA LEU A 21 3.56 -3.19 -6.27
C LEU A 21 2.87 -2.10 -5.46
N CYS A 22 1.61 -2.34 -5.14
CA CYS A 22 0.84 -1.42 -4.33
C CYS A 22 0.62 -2.06 -2.95
N TYR A 23 0.94 -1.28 -1.92
CA TYR A 23 0.82 -1.76 -0.56
C TYR A 23 -0.09 -0.86 0.26
N LYS A 24 -0.72 -1.46 1.27
CA LYS A 24 -1.47 -0.69 2.25
C LYS A 24 -1.09 -1.16 3.66
N MET A 25 -1.14 -0.21 4.59
CA MET A 25 -0.72 -0.49 5.95
C MET A 25 -1.91 -0.47 6.91
N PHE A 26 -1.91 -1.44 7.82
CA PHE A 26 -2.91 -1.48 8.87
C PHE A 26 -2.26 -1.30 10.24
N MET A 27 -3.11 -1.04 11.23
CA MET A 27 -2.71 -1.17 12.62
C MET A 27 -3.53 -2.23 13.34
N MET A 28 -2.84 -2.98 14.20
CA MET A 28 -3.46 -4.14 14.82
C MET A 28 -4.84 -3.80 15.38
N SER A 29 -4.98 -2.54 15.79
CA SER A 29 -6.29 -2.04 16.20
C SER A 29 -7.24 -2.01 15.01
N ASP A 30 -6.92 -1.14 14.05
CA ASP A 30 -7.79 -0.92 12.92
C ASP A 30 -7.36 -1.83 11.77
N LEU A 31 -7.82 -3.07 11.84
CA LEU A 31 -7.58 -4.02 10.76
C LEU A 31 -8.55 -3.75 9.62
N THR A 32 -9.61 -3.04 9.95
CA THR A 32 -10.71 -2.84 9.01
C THR A 32 -10.29 -1.86 7.90
N ILE A 33 -9.66 -0.77 8.33
CA ILE A 33 -9.32 0.30 7.41
C ILE A 33 -7.82 0.60 7.52
N PRO A 34 -7.14 0.53 6.36
CA PRO A 34 -5.71 0.81 6.30
C PRO A 34 -5.45 2.31 6.49
N VAL A 35 -4.22 2.62 6.89
CA VAL A 35 -3.92 3.93 7.44
C VAL A 35 -2.94 4.66 6.51
N LYS A 36 -2.26 3.87 5.69
CA LYS A 36 -1.36 4.43 4.70
C LYS A 36 -1.32 3.50 3.48
N ARG A 37 -1.15 4.12 2.32
CA ARG A 37 -1.05 3.37 1.08
C ARG A 37 -0.06 4.04 0.13
N GLY A 38 0.66 3.22 -0.62
CA GLY A 38 1.68 3.71 -1.52
C GLY A 38 2.23 2.60 -2.40
N CYS A 39 3.36 2.89 -3.03
CA CYS A 39 3.99 1.92 -3.92
C CYS A 39 5.24 1.36 -3.22
N ILE A 40 5.62 0.16 -3.63
CA ILE A 40 6.88 -0.41 -3.20
C ILE A 40 7.29 -1.52 -4.16
N ASP A 41 8.57 -1.86 -4.12
CA ASP A 41 9.11 -2.87 -5.02
C ASP A 41 8.98 -4.25 -4.36
N VAL A 42 9.39 -4.32 -3.10
CA VAL A 42 9.35 -5.58 -2.38
C VAL A 42 8.36 -5.45 -1.22
N CYS A 43 7.45 -6.41 -1.15
CA CYS A 43 6.37 -6.35 -0.18
C CYS A 43 6.96 -6.55 1.21
N PRO A 44 6.72 -5.53 2.09
CA PRO A 44 7.25 -5.58 3.44
C PRO A 44 6.53 -6.63 4.28
N LYS A 45 7.31 -7.37 5.06
CA LYS A 45 6.76 -8.42 5.90
C LYS A 45 5.94 -7.79 7.03
N ASN A 46 5.00 -8.58 7.55
CA ASN A 46 4.08 -8.08 8.54
C ASN A 46 4.80 -7.90 9.87
N SER A 47 4.44 -6.84 10.58
CA SER A 47 5.02 -6.56 11.88
C SER A 47 3.98 -6.79 12.98
N LEU A 48 4.43 -6.63 14.21
CA LEU A 48 3.57 -6.87 15.36
C LEU A 48 2.60 -5.70 15.53
N LEU A 49 3.02 -4.55 15.03
CA LEU A 49 2.28 -3.32 15.26
C LEU A 49 1.38 -3.04 14.05
N VAL A 50 1.99 -3.12 12.88
CA VAL A 50 1.28 -2.79 11.64
C VAL A 50 1.35 -3.97 10.68
N LYS A 51 0.27 -4.13 9.93
CA LYS A 51 0.21 -5.21 8.95
C LYS A 51 0.36 -4.62 7.54
N TYR A 52 1.00 -5.40 6.68
CA TYR A 52 1.26 -4.97 5.32
C TYR A 52 0.55 -5.86 4.31
N VAL A 53 -0.22 -5.24 3.43
CA VAL A 53 -0.86 -5.95 2.35
C VAL A 53 -0.45 -5.32 1.01
N CYS A 54 0.00 -6.17 0.11
CA CYS A 54 0.45 -5.72 -1.19
C CYS A 54 -0.39 -6.39 -2.26
N CYS A 55 -0.39 -5.78 -3.44
CA CYS A 55 -1.10 -6.35 -4.58
C CYS A 55 -0.49 -5.79 -5.86
N ASN A 56 -0.53 -6.61 -6.90
CA ASN A 56 0.36 -6.42 -8.04
C ASN A 56 -0.43 -5.82 -9.20
N THR A 57 -1.40 -5.00 -8.86
CA THR A 57 -2.17 -4.28 -9.87
C THR A 57 -2.35 -2.83 -9.45
N ASP A 58 -2.89 -2.04 -10.38
CA ASP A 58 -2.99 -0.60 -10.19
C ASP A 58 -4.20 -0.30 -9.32
N ARG A 59 -4.03 0.66 -8.42
CA ARG A 59 -5.14 1.17 -7.64
C ARG A 59 -5.91 0.03 -6.98
N CYS A 60 -5.15 -0.99 -6.58
CA CYS A 60 -5.74 -2.17 -5.98
C CYS A 60 -5.86 -1.92 -4.47
N ASN A 61 -4.94 -1.11 -3.96
CA ASN A 61 -4.92 -0.81 -2.54
C ASN A 61 -5.65 0.52 -2.30
N MET A 1 6.34 4.24 -12.00
CA MET A 1 5.55 4.30 -13.22
C MET A 1 4.07 4.04 -12.94
N LEU A 2 3.84 2.93 -12.24
CA LEU A 2 2.47 2.46 -12.03
C LEU A 2 1.74 3.46 -11.13
N LYS A 3 0.48 3.14 -10.84
CA LYS A 3 -0.35 4.00 -10.03
C LYS A 3 -0.88 3.22 -8.83
N CYS A 4 -0.66 3.78 -7.65
CA CYS A 4 -1.22 3.21 -6.44
C CYS A 4 -2.08 4.28 -5.76
N ASN A 5 -2.89 3.82 -4.81
CA ASN A 5 -3.84 4.70 -4.15
C ASN A 5 -3.25 5.18 -2.83
N LYS A 6 -3.49 6.45 -2.54
CA LYS A 6 -3.07 7.02 -1.27
C LYS A 6 -4.17 6.82 -0.23
N LEU A 7 -3.91 7.32 0.96
CA LEU A 7 -4.89 7.26 2.04
C LEU A 7 -6.24 7.76 1.51
N VAL A 8 -6.17 8.82 0.71
CA VAL A 8 -7.35 9.30 0.01
C VAL A 8 -7.67 8.35 -1.14
N PRO A 9 -8.89 7.74 -1.07
CA PRO A 9 -9.22 6.63 -1.94
C PRO A 9 -9.62 7.12 -3.33
N ILE A 10 -9.67 8.44 -3.48
CA ILE A 10 -10.03 9.04 -4.75
C ILE A 10 -8.81 9.79 -5.30
N ALA A 11 -7.64 9.38 -4.84
CA ALA A 11 -6.40 9.99 -5.31
C ALA A 11 -5.33 8.90 -5.42
N TYR A 12 -4.68 8.88 -6.59
CA TYR A 12 -3.54 8.00 -6.78
C TYR A 12 -2.28 8.80 -7.08
N LYS A 13 -1.14 8.19 -6.76
CA LYS A 13 0.15 8.80 -7.05
C LYS A 13 0.98 7.84 -7.89
N THR A 14 1.90 8.41 -8.65
CA THR A 14 2.77 7.62 -9.50
C THR A 14 3.88 6.95 -8.68
N CYS A 15 4.06 5.66 -8.93
CA CYS A 15 5.05 4.90 -8.19
C CYS A 15 6.45 5.35 -8.63
N PRO A 16 7.40 5.30 -7.67
CA PRO A 16 8.79 5.57 -7.98
C PRO A 16 9.38 4.43 -8.83
N GLU A 17 10.43 4.77 -9.56
CA GLU A 17 11.10 3.80 -10.40
C GLU A 17 11.57 2.61 -9.56
N GLY A 18 11.32 1.41 -10.09
CA GLY A 18 11.75 0.20 -9.42
C GLY A 18 10.61 -0.41 -8.60
N LYS A 19 9.63 0.42 -8.29
CA LYS A 19 8.45 -0.04 -7.57
C LYS A 19 7.36 -0.41 -8.58
N ASN A 20 6.52 -1.35 -8.16
CA ASN A 20 5.61 -2.00 -9.09
C ASN A 20 4.38 -2.50 -8.33
N LEU A 21 4.59 -2.79 -7.05
CA LEU A 21 3.52 -3.29 -6.21
C LEU A 21 2.85 -2.11 -5.49
N CYS A 22 1.59 -2.31 -5.13
CA CYS A 22 0.89 -1.34 -4.31
C CYS A 22 0.67 -1.95 -2.92
N TYR A 23 0.96 -1.16 -1.90
CA TYR A 23 0.87 -1.63 -0.54
C TYR A 23 -0.11 -0.78 0.29
N LYS A 24 -0.70 -1.41 1.27
CA LYS A 24 -1.48 -0.69 2.27
C LYS A 24 -1.07 -1.17 3.67
N MET A 25 -1.16 -0.24 4.61
CA MET A 25 -0.72 -0.52 5.97
C MET A 25 -1.91 -0.46 6.95
N PHE A 26 -1.93 -1.42 7.86
CA PHE A 26 -2.91 -1.43 8.92
C PHE A 26 -2.26 -1.27 10.29
N MET A 27 -3.10 -0.98 11.28
CA MET A 27 -2.69 -1.12 12.66
C MET A 27 -3.51 -2.21 13.37
N MET A 28 -2.83 -2.93 14.24
CA MET A 28 -3.44 -4.09 14.87
C MET A 28 -4.84 -3.74 15.42
N SER A 29 -4.99 -2.49 15.81
CA SER A 29 -6.29 -1.99 16.20
C SER A 29 -7.24 -2.00 15.00
N ASP A 30 -6.93 -1.15 14.04
CA ASP A 30 -7.80 -0.96 12.89
C ASP A 30 -7.35 -1.89 11.76
N LEU A 31 -7.79 -3.14 11.84
CA LEU A 31 -7.52 -4.10 10.79
C LEU A 31 -8.49 -3.86 9.62
N THR A 32 -9.57 -3.15 9.93
CA THR A 32 -10.65 -2.99 8.99
C THR A 32 -10.25 -2.02 7.88
N ILE A 33 -9.67 -0.91 8.29
CA ILE A 33 -9.33 0.15 7.36
C ILE A 33 -7.83 0.48 7.48
N PRO A 34 -7.13 0.42 6.32
CA PRO A 34 -5.72 0.73 6.28
C PRO A 34 -5.48 2.23 6.45
N VAL A 35 -4.27 2.58 6.87
CA VAL A 35 -4.00 3.89 7.40
C VAL A 35 -3.03 4.63 6.47
N LYS A 36 -2.33 3.84 5.68
CA LYS A 36 -1.43 4.41 4.68
C LYS A 36 -1.38 3.48 3.45
N ARG A 37 -1.27 4.10 2.29
CA ARG A 37 -1.14 3.34 1.05
C ARG A 37 -0.19 4.06 0.10
N GLY A 38 0.53 3.26 -0.69
CA GLY A 38 1.51 3.78 -1.60
C GLY A 38 2.10 2.68 -2.48
N CYS A 39 3.23 2.99 -3.09
CA CYS A 39 3.90 2.04 -3.96
C CYS A 39 5.07 1.43 -3.21
N ILE A 40 5.45 0.23 -3.63
CA ILE A 40 6.70 -0.38 -3.18
C ILE A 40 7.12 -1.46 -4.15
N ASP A 41 8.39 -1.82 -4.08
CA ASP A 41 8.95 -2.84 -4.96
C ASP A 41 8.79 -4.22 -4.32
N VAL A 42 9.23 -4.30 -3.07
CA VAL A 42 9.19 -5.55 -2.34
C VAL A 42 8.23 -5.42 -1.16
N CYS A 43 7.28 -6.35 -1.09
CA CYS A 43 6.26 -6.31 -0.06
C CYS A 43 6.92 -6.63 1.29
N PRO A 44 6.79 -5.66 2.23
CA PRO A 44 7.38 -5.82 3.55
C PRO A 44 6.59 -6.83 4.38
N LYS A 45 7.33 -7.61 5.16
CA LYS A 45 6.72 -8.62 6.00
C LYS A 45 5.93 -7.94 7.13
N ASN A 46 4.97 -8.68 7.67
CA ASN A 46 4.06 -8.12 8.64
C ASN A 46 4.78 -7.93 9.97
N SER A 47 4.44 -6.84 10.65
CA SER A 47 5.03 -6.55 11.94
C SER A 47 3.98 -6.76 13.05
N LEU A 48 4.44 -6.58 14.28
CA LEU A 48 3.59 -6.82 15.43
C LEU A 48 2.61 -5.65 15.59
N LEU A 49 3.03 -4.49 15.09
CA LEU A 49 2.30 -3.27 15.30
C LEU A 49 1.39 -3.00 14.10
N VAL A 50 1.98 -3.10 12.92
CA VAL A 50 1.27 -2.77 11.69
C VAL A 50 1.35 -3.96 10.74
N LYS A 51 0.28 -4.13 9.98
CA LYS A 51 0.21 -5.20 9.00
C LYS A 51 0.40 -4.62 7.60
N TYR A 52 1.06 -5.40 6.75
CA TYR A 52 1.35 -4.96 5.40
C TYR A 52 0.64 -5.85 4.37
N VAL A 53 -0.08 -5.21 3.47
CA VAL A 53 -0.69 -5.91 2.36
C VAL A 53 -0.24 -5.27 1.04
N CYS A 54 0.19 -6.12 0.12
CA CYS A 54 0.63 -5.66 -1.19
C CYS A 54 -0.24 -6.34 -2.24
N CYS A 55 -0.31 -5.71 -3.40
CA CYS A 55 -0.98 -6.32 -4.56
C CYS A 55 -0.37 -5.75 -5.83
N ASN A 56 -0.30 -6.59 -6.85
CA ASN A 56 0.62 -6.37 -7.95
C ASN A 56 -0.15 -5.81 -9.14
N THR A 57 -1.17 -5.02 -8.85
CA THR A 57 -1.92 -4.33 -9.88
C THR A 57 -2.16 -2.88 -9.47
N ASP A 58 -2.67 -2.11 -10.42
CA ASP A 58 -2.78 -0.66 -10.23
C ASP A 58 -3.99 -0.36 -9.36
N ARG A 59 -3.79 0.55 -8.42
CA ARG A 59 -4.89 1.06 -7.61
C ARG A 59 -5.67 -0.10 -6.99
N CYS A 60 -4.93 -1.16 -6.67
CA CYS A 60 -5.56 -2.36 -6.11
C CYS A 60 -5.66 -2.17 -4.60
N ASN A 61 -4.77 -1.35 -4.07
CA ASN A 61 -4.79 -1.04 -2.65
C ASN A 61 -5.63 0.22 -2.42
N MET A 1 5.63 5.59 -13.88
CA MET A 1 5.50 4.19 -13.51
C MET A 1 4.04 3.82 -13.27
N LEU A 2 3.86 2.86 -12.37
CA LEU A 2 2.52 2.39 -12.04
C LEU A 2 1.84 3.43 -11.13
N LYS A 3 0.63 3.10 -10.72
CA LYS A 3 -0.15 4.00 -9.87
C LYS A 3 -0.70 3.21 -8.68
N CYS A 4 -0.54 3.81 -7.51
CA CYS A 4 -1.12 3.23 -6.30
C CYS A 4 -2.00 4.30 -5.64
N ASN A 5 -2.80 3.85 -4.68
CA ASN A 5 -3.83 4.70 -4.10
C ASN A 5 -3.28 5.34 -2.82
N LYS A 6 -3.67 6.59 -2.62
CA LYS A 6 -3.37 7.27 -1.37
C LYS A 6 -4.35 6.80 -0.29
N LEU A 7 -4.17 7.34 0.91
CA LEU A 7 -5.15 7.18 1.96
C LEU A 7 -6.54 7.59 1.43
N VAL A 8 -6.53 8.67 0.65
CA VAL A 8 -7.73 9.07 -0.06
C VAL A 8 -7.89 8.18 -1.30
N PRO A 9 -9.06 7.47 -1.34
CA PRO A 9 -9.23 6.38 -2.29
C PRO A 9 -9.58 6.92 -3.68
N ILE A 10 -9.76 8.23 -3.76
CA ILE A 10 -10.09 8.87 -5.02
C ILE A 10 -8.89 9.70 -5.48
N ALA A 11 -7.73 9.35 -4.96
CA ALA A 11 -6.50 10.00 -5.38
C ALA A 11 -5.36 8.98 -5.39
N TYR A 12 -4.62 8.98 -6.49
CA TYR A 12 -3.50 8.06 -6.63
C TYR A 12 -2.18 8.82 -6.77
N LYS A 13 -1.10 8.12 -6.49
CA LYS A 13 0.23 8.66 -6.71
C LYS A 13 0.97 7.79 -7.73
N THR A 14 1.83 8.42 -8.49
CA THR A 14 2.71 7.69 -9.40
C THR A 14 3.84 7.02 -8.63
N CYS A 15 4.05 5.75 -8.94
CA CYS A 15 5.04 4.95 -8.23
C CYS A 15 6.43 5.44 -8.63
N PRO A 16 7.38 5.29 -7.67
CA PRO A 16 8.78 5.58 -7.95
C PRO A 16 9.39 4.49 -8.83
N GLU A 17 10.43 4.87 -9.55
CA GLU A 17 11.13 3.93 -10.43
C GLU A 17 11.65 2.75 -9.62
N GLY A 18 11.39 1.56 -10.15
CA GLY A 18 11.89 0.33 -9.54
C GLY A 18 10.84 -0.31 -8.64
N LYS A 19 9.81 0.47 -8.34
CA LYS A 19 8.69 -0.03 -7.55
C LYS A 19 7.57 -0.45 -8.49
N ASN A 20 6.81 -1.45 -8.04
CA ASN A 20 5.83 -2.08 -8.90
C ASN A 20 4.53 -2.30 -8.12
N LEU A 21 4.69 -2.82 -6.91
CA LEU A 21 3.55 -3.31 -6.15
C LEU A 21 2.91 -2.15 -5.40
N CYS A 22 1.63 -2.33 -5.08
CA CYS A 22 0.92 -1.36 -4.27
C CYS A 22 0.66 -1.97 -2.90
N TYR A 23 1.01 -1.21 -1.86
CA TYR A 23 0.92 -1.71 -0.50
C TYR A 23 -0.02 -0.83 0.34
N LYS A 24 -0.61 -1.47 1.34
CA LYS A 24 -1.39 -0.74 2.33
C LYS A 24 -1.00 -1.23 3.73
N MET A 25 -1.01 -0.28 4.67
CA MET A 25 -0.60 -0.58 6.03
C MET A 25 -1.78 -0.46 6.99
N PHE A 26 -1.86 -1.42 7.90
CA PHE A 26 -2.86 -1.36 8.97
C PHE A 26 -2.19 -1.17 10.33
N MET A 27 -3.01 -0.87 11.32
CA MET A 27 -2.60 -0.99 12.70
C MET A 27 -3.45 -2.01 13.45
N MET A 28 -2.80 -2.75 14.35
CA MET A 28 -3.44 -3.85 15.03
C MET A 28 -4.81 -3.42 15.59
N SER A 29 -4.91 -2.14 15.88
CA SER A 29 -6.19 -1.55 16.22
C SER A 29 -7.16 -1.69 15.04
N ASP A 30 -6.96 -0.85 14.04
CA ASP A 30 -7.87 -0.80 12.91
C ASP A 30 -7.37 -1.75 11.81
N LEU A 31 -7.75 -3.00 11.96
CA LEU A 31 -7.44 -3.99 10.94
C LEU A 31 -8.40 -3.83 9.75
N THR A 32 -9.51 -3.18 10.03
CA THR A 32 -10.59 -3.10 9.05
C THR A 32 -10.19 -2.16 7.91
N ILE A 33 -9.63 -1.02 8.27
CA ILE A 33 -9.31 0.01 7.30
C ILE A 33 -7.83 0.38 7.42
N PRO A 34 -7.12 0.31 6.27
CA PRO A 34 -5.71 0.65 6.23
C PRO A 34 -5.52 2.16 6.39
N VAL A 35 -4.32 2.52 6.82
CA VAL A 35 -4.09 3.85 7.37
C VAL A 35 -3.15 4.62 6.45
N LYS A 36 -2.37 3.86 5.67
CA LYS A 36 -1.48 4.46 4.70
C LYS A 36 -1.34 3.52 3.50
N ARG A 37 -1.18 4.12 2.33
CA ARG A 37 -1.02 3.35 1.11
C ARG A 37 -0.06 4.04 0.15
N GLY A 38 0.68 3.23 -0.59
CA GLY A 38 1.69 3.76 -1.50
C GLY A 38 2.24 2.65 -2.39
N CYS A 39 3.38 2.95 -3.02
CA CYS A 39 4.02 2.00 -3.91
C CYS A 39 5.21 1.39 -3.17
N ILE A 40 5.57 0.18 -3.59
CA ILE A 40 6.81 -0.43 -3.14
C ILE A 40 7.22 -1.54 -4.12
N ASP A 41 8.48 -1.91 -4.05
CA ASP A 41 9.02 -2.92 -4.95
C ASP A 41 8.83 -4.30 -4.32
N VAL A 42 9.25 -4.41 -3.08
CA VAL A 42 9.17 -5.67 -2.36
C VAL A 42 8.19 -5.54 -1.19
N CYS A 43 7.25 -6.47 -1.13
CA CYS A 43 6.21 -6.41 -0.13
C CYS A 43 6.83 -6.73 1.23
N PRO A 44 6.72 -5.74 2.16
CA PRO A 44 7.27 -5.90 3.49
C PRO A 44 6.47 -6.92 4.30
N LYS A 45 7.19 -7.72 5.07
CA LYS A 45 6.57 -8.74 5.90
C LYS A 45 5.81 -8.07 7.04
N ASN A 46 4.85 -8.81 7.59
CA ASN A 46 3.96 -8.26 8.60
C ASN A 46 4.72 -8.06 9.90
N SER A 47 4.38 -6.98 10.60
CA SER A 47 4.96 -6.72 11.90
C SER A 47 3.91 -6.90 12.99
N LEU A 48 4.36 -6.75 14.23
CA LEU A 48 3.49 -6.95 15.38
C LEU A 48 2.55 -5.75 15.52
N LEU A 49 3.03 -4.61 15.07
CA LEU A 49 2.34 -3.35 15.30
C LEU A 49 1.45 -3.04 14.11
N VAL A 50 2.02 -3.15 12.92
CA VAL A 50 1.32 -2.81 11.70
C VAL A 50 1.35 -4.00 10.74
N LYS A 51 0.28 -4.13 9.98
CA LYS A 51 0.16 -5.21 9.02
C LYS A 51 0.37 -4.67 7.61
N TYR A 52 1.01 -5.47 6.77
CA TYR A 52 1.33 -5.06 5.42
C TYR A 52 0.62 -5.93 4.39
N VAL A 53 -0.10 -5.26 3.49
CA VAL A 53 -0.71 -5.95 2.37
C VAL A 53 -0.25 -5.32 1.06
N CYS A 54 0.13 -6.17 0.13
CA CYS A 54 0.56 -5.71 -1.18
C CYS A 54 -0.34 -6.36 -2.25
N CYS A 55 -0.40 -5.71 -3.41
CA CYS A 55 -1.08 -6.29 -4.54
C CYS A 55 -0.45 -5.73 -5.82
N ASN A 56 -0.44 -6.55 -6.85
CA ASN A 56 0.48 -6.37 -7.96
C ASN A 56 -0.28 -5.78 -9.15
N THR A 57 -1.29 -4.97 -8.84
CA THR A 57 -2.01 -4.24 -9.87
C THR A 57 -2.21 -2.78 -9.44
N ASP A 58 -2.70 -1.99 -10.38
CA ASP A 58 -2.78 -0.55 -10.17
C ASP A 58 -3.98 -0.22 -9.30
N ARG A 59 -3.76 0.68 -8.35
CA ARG A 59 -4.86 1.20 -7.55
C ARG A 59 -5.65 0.06 -6.92
N CYS A 60 -4.93 -1.01 -6.59
CA CYS A 60 -5.56 -2.20 -6.04
C CYS A 60 -5.63 -2.03 -4.52
N ASN A 61 -4.70 -1.26 -3.99
CA ASN A 61 -4.66 -1.02 -2.55
C ASN A 61 -5.46 0.25 -2.24
N MET A 1 5.64 5.51 -13.89
CA MET A 1 5.48 4.11 -13.51
C MET A 1 4.01 3.78 -13.26
N LEU A 2 3.80 2.85 -12.33
CA LEU A 2 2.45 2.40 -12.02
C LEU A 2 1.76 3.44 -11.15
N LYS A 3 0.54 3.12 -10.75
CA LYS A 3 -0.24 4.01 -9.90
C LYS A 3 -0.78 3.21 -8.70
N CYS A 4 -0.60 3.80 -7.52
CA CYS A 4 -1.18 3.24 -6.32
C CYS A 4 -2.04 4.32 -5.65
N ASN A 5 -2.87 3.89 -4.71
CA ASN A 5 -3.87 4.76 -4.14
C ASN A 5 -3.33 5.37 -2.84
N LYS A 6 -3.71 6.62 -2.62
CA LYS A 6 -3.35 7.30 -1.38
C LYS A 6 -4.32 6.86 -0.27
N LEU A 7 -4.09 7.40 0.91
CA LEU A 7 -5.05 7.29 1.99
C LEU A 7 -6.41 7.79 1.52
N VAL A 8 -6.37 8.84 0.72
CA VAL A 8 -7.55 9.30 0.02
C VAL A 8 -7.80 8.41 -1.20
N PRO A 9 -9.00 7.76 -1.21
CA PRO A 9 -9.25 6.67 -2.13
C PRO A 9 -9.61 7.19 -3.52
N ILE A 10 -9.69 8.52 -3.62
CA ILE A 10 -10.04 9.15 -4.88
C ILE A 10 -8.82 9.92 -5.40
N ALA A 11 -7.66 9.54 -4.89
CA ALA A 11 -6.42 10.15 -5.34
C ALA A 11 -5.31 9.09 -5.34
N TYR A 12 -4.51 9.12 -6.40
CA TYR A 12 -3.43 8.16 -6.55
C TYR A 12 -2.09 8.87 -6.67
N LYS A 13 -1.02 8.13 -6.38
CA LYS A 13 0.32 8.63 -6.61
C LYS A 13 0.99 7.77 -7.69
N THR A 14 1.86 8.41 -8.45
CA THR A 14 2.70 7.69 -9.40
C THR A 14 3.85 6.99 -8.67
N CYS A 15 4.05 5.73 -9.00
CA CYS A 15 5.02 4.91 -8.29
C CYS A 15 6.42 5.38 -8.67
N PRO A 16 7.35 5.25 -7.69
CA PRO A 16 8.76 5.51 -7.96
C PRO A 16 9.37 4.40 -8.82
N GLU A 17 10.45 4.76 -9.50
CA GLU A 17 11.11 3.81 -10.38
C GLU A 17 11.56 2.57 -9.59
N GLY A 18 11.30 1.41 -10.16
CA GLY A 18 11.74 0.17 -9.57
C GLY A 18 10.62 -0.47 -8.74
N LYS A 19 9.65 0.36 -8.38
CA LYS A 19 8.49 -0.12 -7.64
C LYS A 19 7.39 -0.53 -8.63
N ASN A 20 6.57 -1.46 -8.19
CA ASN A 20 5.66 -2.14 -9.09
C ASN A 20 4.44 -2.64 -8.32
N LEU A 21 4.65 -2.89 -7.04
CA LEU A 21 3.58 -3.36 -6.17
C LEU A 21 2.91 -2.16 -5.50
N CYS A 22 1.66 -2.37 -5.12
CA CYS A 22 0.97 -1.41 -4.27
C CYS A 22 0.79 -2.04 -2.89
N TYR A 23 1.04 -1.23 -1.87
CA TYR A 23 0.94 -1.70 -0.50
C TYR A 23 -0.03 -0.85 0.31
N LYS A 24 -0.63 -1.48 1.31
CA LYS A 24 -1.42 -0.76 2.29
C LYS A 24 -1.02 -1.21 3.70
N MET A 25 -1.12 -0.28 4.64
CA MET A 25 -0.69 -0.54 6.00
C MET A 25 -1.89 -0.55 6.95
N PHE A 26 -1.86 -1.50 7.88
CA PHE A 26 -2.87 -1.55 8.93
C PHE A 26 -2.24 -1.32 10.30
N MET A 27 -3.09 -1.04 11.27
CA MET A 27 -2.71 -1.12 12.67
C MET A 27 -3.55 -2.16 13.41
N MET A 28 -2.89 -2.89 14.29
CA MET A 28 -3.52 -4.01 14.95
C MET A 28 -4.91 -3.64 15.48
N SER A 29 -5.04 -2.38 15.84
CA SER A 29 -6.35 -1.84 16.18
C SER A 29 -7.28 -1.91 14.96
N ASP A 30 -7.05 -1.00 14.03
CA ASP A 30 -7.93 -0.88 12.87
C ASP A 30 -7.45 -1.82 11.77
N LEU A 31 -7.88 -3.07 11.88
CA LEU A 31 -7.59 -4.06 10.84
C LEU A 31 -8.54 -3.84 9.66
N THR A 32 -9.64 -3.15 9.95
CA THR A 32 -10.72 -3.02 8.98
C THR A 32 -10.31 -2.08 7.84
N ILE A 33 -9.72 -0.95 8.23
CA ILE A 33 -9.38 0.08 7.27
C ILE A 33 -7.89 0.42 7.40
N PRO A 34 -7.18 0.31 6.25
CA PRO A 34 -5.76 0.62 6.22
C PRO A 34 -5.52 2.12 6.36
N VAL A 35 -4.31 2.46 6.79
CA VAL A 35 -4.05 3.78 7.33
C VAL A 35 -3.05 4.52 6.44
N LYS A 36 -2.34 3.74 5.64
CA LYS A 36 -1.40 4.30 4.68
C LYS A 36 -1.36 3.40 3.44
N ARG A 37 -1.19 4.04 2.29
CA ARG A 37 -1.09 3.32 1.04
C ARG A 37 -0.11 4.02 0.09
N GLY A 38 0.61 3.21 -0.68
CA GLY A 38 1.60 3.74 -1.60
C GLY A 38 2.16 2.63 -2.49
N CYS A 39 3.28 2.93 -3.13
CA CYS A 39 3.93 1.97 -4.00
C CYS A 39 5.12 1.37 -3.25
N ILE A 40 5.49 0.17 -3.67
CA ILE A 40 6.74 -0.43 -3.21
C ILE A 40 7.15 -1.53 -4.19
N ASP A 41 8.43 -1.89 -4.12
CA ASP A 41 8.96 -2.91 -5.00
C ASP A 41 8.82 -4.29 -4.33
N VAL A 42 9.25 -4.35 -3.08
CA VAL A 42 9.21 -5.59 -2.33
C VAL A 42 8.25 -5.44 -1.15
N CYS A 43 7.33 -6.40 -1.06
CA CYS A 43 6.30 -6.34 -0.03
C CYS A 43 6.95 -6.58 1.32
N PRO A 44 6.79 -5.59 2.22
CA PRO A 44 7.38 -5.67 3.56
C PRO A 44 6.64 -6.71 4.41
N LYS A 45 7.42 -7.44 5.19
CA LYS A 45 6.87 -8.48 6.04
C LYS A 45 6.07 -7.83 7.17
N ASN A 46 5.13 -8.61 7.69
CA ASN A 46 4.18 -8.09 8.67
C ASN A 46 4.90 -7.90 10.02
N SER A 47 4.51 -6.83 10.71
CA SER A 47 5.06 -6.57 12.03
C SER A 47 3.98 -6.80 13.10
N LEU A 48 4.39 -6.65 14.34
CA LEU A 48 3.49 -6.90 15.45
C LEU A 48 2.52 -5.72 15.59
N LEU A 49 2.98 -4.56 15.15
CA LEU A 49 2.24 -3.34 15.37
C LEU A 49 1.36 -3.05 14.14
N VAL A 50 1.99 -3.13 12.97
CA VAL A 50 1.29 -2.80 11.74
C VAL A 50 1.38 -3.99 10.77
N LYS A 51 0.32 -4.17 10.01
CA LYS A 51 0.28 -5.24 9.02
C LYS A 51 0.45 -4.65 7.62
N TYR A 52 1.11 -5.42 6.77
CA TYR A 52 1.38 -4.98 5.41
C TYR A 52 0.69 -5.88 4.39
N VAL A 53 -0.06 -5.25 3.50
CA VAL A 53 -0.66 -5.97 2.39
C VAL A 53 -0.20 -5.34 1.07
N CYS A 54 0.21 -6.21 0.16
CA CYS A 54 0.67 -5.75 -1.15
C CYS A 54 -0.21 -6.42 -2.22
N CYS A 55 -0.22 -5.81 -3.39
CA CYS A 55 -0.92 -6.38 -4.53
C CYS A 55 -0.31 -5.81 -5.81
N ASN A 56 -0.33 -6.62 -6.85
CA ASN A 56 0.58 -6.42 -7.97
C ASN A 56 -0.18 -5.83 -9.15
N THR A 57 -1.16 -4.99 -8.82
CA THR A 57 -1.91 -4.27 -9.84
C THR A 57 -2.12 -2.82 -9.42
N ASP A 58 -2.65 -2.04 -10.35
CA ASP A 58 -2.77 -0.61 -10.16
C ASP A 58 -3.99 -0.31 -9.29
N ARG A 59 -3.82 0.63 -8.38
CA ARG A 59 -4.93 1.13 -7.60
C ARG A 59 -5.68 -0.03 -6.94
N CYS A 60 -4.92 -1.04 -6.57
CA CYS A 60 -5.50 -2.25 -5.98
C CYS A 60 -5.64 -2.04 -4.48
N ASN A 61 -4.74 -1.23 -3.94
CA ASN A 61 -4.74 -0.96 -2.51
C ASN A 61 -5.56 0.29 -2.22
N MET A 1 5.80 5.26 -12.49
CA MET A 1 5.48 4.16 -13.39
C MET A 1 4.01 3.77 -13.24
N LEU A 2 3.75 2.96 -12.23
CA LEU A 2 2.39 2.49 -11.96
C LEU A 2 1.66 3.53 -11.10
N LYS A 3 0.44 3.19 -10.75
CA LYS A 3 -0.37 4.06 -9.90
C LYS A 3 -0.89 3.27 -8.71
N CYS A 4 -0.66 3.84 -7.52
CA CYS A 4 -1.21 3.28 -6.30
C CYS A 4 -2.09 4.34 -5.65
N ASN A 5 -2.88 3.90 -4.67
CA ASN A 5 -3.91 4.75 -4.10
C ASN A 5 -3.37 5.41 -2.83
N LYS A 6 -3.71 6.68 -2.66
CA LYS A 6 -3.41 7.38 -1.43
C LYS A 6 -4.32 6.86 -0.32
N LEU A 7 -4.11 7.40 0.87
CA LEU A 7 -5.09 7.26 1.94
C LEU A 7 -6.45 7.75 1.44
N VAL A 8 -6.41 8.81 0.65
CA VAL A 8 -7.61 9.27 -0.05
C VAL A 8 -7.84 8.37 -1.28
N PRO A 9 -9.04 7.73 -1.30
CA PRO A 9 -9.29 6.65 -2.23
C PRO A 9 -9.62 7.19 -3.62
N ILE A 10 -9.72 8.50 -3.71
CA ILE A 10 -10.04 9.16 -4.97
C ILE A 10 -8.82 9.94 -5.45
N ALA A 11 -7.66 9.56 -4.94
CA ALA A 11 -6.41 10.17 -5.35
C ALA A 11 -5.31 9.12 -5.35
N TYR A 12 -4.47 9.18 -6.38
CA TYR A 12 -3.43 8.19 -6.55
C TYR A 12 -2.04 8.85 -6.61
N LYS A 13 -1.03 8.05 -6.30
CA LYS A 13 0.35 8.49 -6.45
C LYS A 13 1.01 7.73 -7.60
N THR A 14 1.93 8.40 -8.27
CA THR A 14 2.74 7.76 -9.27
C THR A 14 3.91 7.02 -8.61
N CYS A 15 4.04 5.74 -8.98
CA CYS A 15 5.01 4.88 -8.33
C CYS A 15 6.42 5.31 -8.78
N PRO A 16 7.38 5.21 -7.83
CA PRO A 16 8.77 5.45 -8.15
C PRO A 16 9.34 4.30 -8.99
N GLU A 17 10.38 4.63 -9.76
CA GLU A 17 11.03 3.63 -10.59
C GLU A 17 11.53 2.46 -9.74
N GLY A 18 11.27 1.26 -10.24
CA GLY A 18 11.73 0.06 -9.56
C GLY A 18 10.61 -0.55 -8.72
N LYS A 19 9.63 0.29 -8.39
CA LYS A 19 8.47 -0.16 -7.64
C LYS A 19 7.36 -0.55 -8.62
N ASN A 20 6.53 -1.49 -8.18
CA ASN A 20 5.63 -2.16 -9.09
C ASN A 20 4.40 -2.66 -8.31
N LEU A 21 4.62 -2.90 -7.03
CA LEU A 21 3.54 -3.37 -6.17
C LEU A 21 2.90 -2.17 -5.47
N CYS A 22 1.64 -2.34 -5.08
CA CYS A 22 0.98 -1.37 -4.23
C CYS A 22 0.79 -2.01 -2.86
N TYR A 23 1.06 -1.21 -1.83
CA TYR A 23 0.97 -1.70 -0.46
C TYR A 23 -0.01 -0.84 0.36
N LYS A 24 -0.63 -1.48 1.33
CA LYS A 24 -1.42 -0.75 2.31
C LYS A 24 -1.04 -1.21 3.72
N MET A 25 -1.14 -0.28 4.66
CA MET A 25 -0.71 -0.54 6.02
C MET A 25 -1.90 -0.53 6.99
N PHE A 26 -1.90 -1.49 7.88
CA PHE A 26 -2.91 -1.55 8.93
C PHE A 26 -2.28 -1.34 10.31
N MET A 27 -3.15 -1.04 11.28
CA MET A 27 -2.76 -1.13 12.68
C MET A 27 -3.60 -2.18 13.41
N MET A 28 -2.93 -2.90 14.30
CA MET A 28 -3.55 -4.02 14.97
C MET A 28 -4.94 -3.65 15.49
N SER A 29 -5.09 -2.39 15.84
CA SER A 29 -6.40 -1.86 16.21
C SER A 29 -7.34 -1.91 15.01
N ASP A 30 -7.02 -1.10 14.02
CA ASP A 30 -7.89 -0.96 12.86
C ASP A 30 -7.41 -1.91 11.75
N LEU A 31 -7.85 -3.16 11.86
CA LEU A 31 -7.55 -4.13 10.82
C LEU A 31 -8.50 -3.92 9.63
N THR A 32 -9.59 -3.22 9.92
CA THR A 32 -10.67 -3.09 8.95
C THR A 32 -10.26 -2.14 7.81
N ILE A 33 -9.68 -1.02 8.21
CA ILE A 33 -9.34 0.03 7.27
C ILE A 33 -7.87 0.38 7.39
N PRO A 34 -7.15 0.29 6.24
CA PRO A 34 -5.73 0.62 6.20
C PRO A 34 -5.53 2.14 6.34
N VAL A 35 -4.33 2.50 6.76
CA VAL A 35 -4.09 3.84 7.26
C VAL A 35 -3.07 4.55 6.35
N LYS A 36 -2.32 3.73 5.63
CA LYS A 36 -1.33 4.26 4.70
C LYS A 36 -1.27 3.37 3.46
N ARG A 37 -1.08 4.02 2.32
CA ARG A 37 -1.00 3.30 1.05
C ARG A 37 -0.01 4.01 0.11
N GLY A 38 0.69 3.20 -0.66
CA GLY A 38 1.68 3.72 -1.59
C GLY A 38 2.24 2.62 -2.47
N CYS A 39 3.36 2.92 -3.12
CA CYS A 39 4.00 1.96 -4.00
C CYS A 39 5.19 1.36 -3.26
N ILE A 40 5.57 0.16 -3.68
CA ILE A 40 6.82 -0.44 -3.23
C ILE A 40 7.22 -1.55 -4.21
N ASP A 41 8.50 -1.90 -4.15
CA ASP A 41 9.03 -2.93 -5.03
C ASP A 41 8.90 -4.29 -4.36
N VAL A 42 9.37 -4.34 -3.12
CA VAL A 42 9.37 -5.60 -2.37
C VAL A 42 8.43 -5.47 -1.18
N CYS A 43 7.52 -6.43 -1.07
CA CYS A 43 6.47 -6.36 -0.07
C CYS A 43 7.10 -6.56 1.30
N PRO A 44 6.87 -5.56 2.19
CA PRO A 44 7.41 -5.60 3.54
C PRO A 44 6.69 -6.64 4.40
N LYS A 45 7.47 -7.36 5.20
CA LYS A 45 6.92 -8.40 6.04
C LYS A 45 6.08 -7.76 7.15
N ASN A 46 5.16 -8.55 7.67
CA ASN A 46 4.20 -8.05 8.64
C ASN A 46 4.90 -7.86 9.99
N SER A 47 4.49 -6.81 10.70
CA SER A 47 5.04 -6.54 12.02
C SER A 47 3.97 -6.78 13.08
N LEU A 48 4.38 -6.61 14.33
CA LEU A 48 3.49 -6.86 15.45
C LEU A 48 2.50 -5.70 15.59
N LEU A 49 2.95 -4.54 15.14
CA LEU A 49 2.19 -3.31 15.35
C LEU A 49 1.32 -3.03 14.13
N VAL A 50 1.95 -3.11 12.96
CA VAL A 50 1.27 -2.79 11.72
C VAL A 50 1.37 -3.98 10.76
N LYS A 51 0.32 -4.14 9.97
CA LYS A 51 0.28 -5.22 9.00
C LYS A 51 0.45 -4.63 7.59
N TYR A 52 1.11 -5.40 6.74
CA TYR A 52 1.37 -4.96 5.38
C TYR A 52 0.68 -5.88 4.37
N VAL A 53 -0.09 -5.26 3.49
CA VAL A 53 -0.71 -5.98 2.39
C VAL A 53 -0.31 -5.34 1.05
N CYS A 54 0.18 -6.18 0.16
CA CYS A 54 0.65 -5.70 -1.13
C CYS A 54 -0.18 -6.41 -2.22
N CYS A 55 -0.25 -5.76 -3.37
CA CYS A 55 -0.95 -6.33 -4.51
C CYS A 55 -0.35 -5.74 -5.79
N ASN A 56 -0.33 -6.57 -6.83
CA ASN A 56 0.60 -6.36 -7.93
C ASN A 56 -0.18 -5.75 -9.11
N THR A 57 -1.18 -4.95 -8.78
CA THR A 57 -1.95 -4.26 -9.79
C THR A 57 -2.18 -2.80 -9.38
N ASP A 58 -2.72 -2.03 -10.32
CA ASP A 58 -2.83 -0.60 -10.14
C ASP A 58 -4.06 -0.29 -9.27
N ARG A 59 -3.88 0.68 -8.39
CA ARG A 59 -4.99 1.18 -7.60
C ARG A 59 -5.75 0.02 -6.93
N CYS A 60 -4.98 -0.99 -6.56
CA CYS A 60 -5.56 -2.18 -5.96
C CYS A 60 -5.71 -1.94 -4.45
N ASN A 61 -4.81 -1.13 -3.93
CA ASN A 61 -4.81 -0.84 -2.50
C ASN A 61 -5.55 0.47 -2.24
N MET A 1 5.77 5.25 -12.46
CA MET A 1 5.45 4.21 -13.41
C MET A 1 4.00 3.76 -13.26
N LEU A 2 3.75 2.99 -12.22
CA LEU A 2 2.41 2.51 -11.95
C LEU A 2 1.65 3.56 -11.13
N LYS A 3 0.43 3.21 -10.76
CA LYS A 3 -0.38 4.08 -9.93
C LYS A 3 -0.90 3.30 -8.72
N CYS A 4 -0.67 3.85 -7.55
CA CYS A 4 -1.23 3.29 -6.33
C CYS A 4 -2.10 4.36 -5.67
N ASN A 5 -2.89 3.91 -4.69
CA ASN A 5 -3.91 4.76 -4.11
C ASN A 5 -3.36 5.43 -2.86
N LYS A 6 -3.71 6.70 -2.69
CA LYS A 6 -3.40 7.41 -1.46
C LYS A 6 -4.31 6.90 -0.34
N LEU A 7 -4.09 7.44 0.85
CA LEU A 7 -5.06 7.30 1.92
C LEU A 7 -6.43 7.80 1.44
N VAL A 8 -6.39 8.85 0.64
CA VAL A 8 -7.58 9.31 -0.05
C VAL A 8 -7.83 8.42 -1.26
N PRO A 9 -9.03 7.79 -1.28
CA PRO A 9 -9.30 6.70 -2.19
C PRO A 9 -9.64 7.22 -3.59
N ILE A 10 -9.72 8.54 -3.69
CA ILE A 10 -10.05 9.18 -4.96
C ILE A 10 -8.84 9.95 -5.46
N ALA A 11 -7.67 9.58 -4.94
CA ALA A 11 -6.43 10.19 -5.37
C ALA A 11 -5.31 9.14 -5.37
N TYR A 12 -4.48 9.19 -6.39
CA TYR A 12 -3.44 8.20 -6.56
C TYR A 12 -2.06 8.86 -6.63
N LYS A 13 -1.04 8.07 -6.33
CA LYS A 13 0.33 8.52 -6.49
C LYS A 13 0.98 7.75 -7.65
N THR A 14 1.90 8.42 -8.32
CA THR A 14 2.73 7.77 -9.33
C THR A 14 3.89 7.04 -8.66
N CYS A 15 4.03 5.77 -9.01
CA CYS A 15 5.00 4.91 -8.34
C CYS A 15 6.39 5.33 -8.79
N PRO A 16 7.35 5.26 -7.83
CA PRO A 16 8.75 5.48 -8.15
C PRO A 16 9.31 4.34 -8.99
N GLU A 17 10.36 4.65 -9.75
CA GLU A 17 10.99 3.67 -10.60
C GLU A 17 11.50 2.49 -9.76
N GLY A 18 11.24 1.29 -10.27
CA GLY A 18 11.72 0.09 -9.61
C GLY A 18 10.61 -0.54 -8.77
N LYS A 19 9.62 0.28 -8.44
CA LYS A 19 8.47 -0.20 -7.69
C LYS A 19 7.40 -0.69 -8.67
N ASN A 20 6.59 -1.62 -8.19
CA ASN A 20 5.72 -2.38 -9.08
C ASN A 20 4.47 -2.82 -8.31
N LEU A 21 4.65 -3.00 -7.01
CA LEU A 21 3.55 -3.41 -6.16
C LEU A 21 2.91 -2.18 -5.52
N CYS A 22 1.66 -2.33 -5.12
CA CYS A 22 1.01 -1.36 -4.26
C CYS A 22 0.84 -2.00 -2.87
N TYR A 23 1.10 -1.19 -1.85
CA TYR A 23 1.02 -1.67 -0.48
C TYR A 23 0.04 -0.82 0.33
N LYS A 24 -0.58 -1.45 1.32
CA LYS A 24 -1.37 -0.73 2.29
C LYS A 24 -0.99 -1.20 3.70
N MET A 25 -1.09 -0.26 4.64
CA MET A 25 -0.67 -0.54 6.02
C MET A 25 -1.87 -0.54 6.96
N PHE A 26 -1.85 -1.49 7.88
CA PHE A 26 -2.87 -1.55 8.92
C PHE A 26 -2.24 -1.32 10.30
N MET A 27 -3.11 -1.05 11.26
CA MET A 27 -2.73 -1.14 12.66
C MET A 27 -3.57 -2.19 13.40
N MET A 28 -2.91 -2.92 14.28
CA MET A 28 -3.54 -4.05 14.95
C MET A 28 -4.94 -3.67 15.47
N SER A 29 -5.08 -2.40 15.80
CA SER A 29 -6.39 -1.86 16.13
C SER A 29 -7.31 -1.95 14.91
N ASP A 30 -7.08 -1.06 13.96
CA ASP A 30 -7.96 -0.96 12.80
C ASP A 30 -7.45 -1.90 11.70
N LEU A 31 -7.86 -3.15 11.80
CA LEU A 31 -7.55 -4.12 10.77
C LEU A 31 -8.49 -3.93 9.59
N THR A 32 -9.60 -3.25 9.86
CA THR A 32 -10.67 -3.13 8.89
C THR A 32 -10.26 -2.18 7.76
N ILE A 33 -9.69 -1.05 8.16
CA ILE A 33 -9.36 0.00 7.21
C ILE A 33 -7.87 0.35 7.35
N PRO A 34 -7.15 0.28 6.21
CA PRO A 34 -5.73 0.60 6.19
C PRO A 34 -5.52 2.11 6.37
N VAL A 35 -4.31 2.46 6.79
CA VAL A 35 -4.06 3.78 7.34
C VAL A 35 -3.07 4.52 6.43
N LYS A 36 -2.35 3.75 5.65
CA LYS A 36 -1.40 4.31 4.70
C LYS A 36 -1.32 3.41 3.46
N ARG A 37 -1.14 4.06 2.32
CA ARG A 37 -1.03 3.33 1.06
C ARG A 37 -0.03 4.03 0.13
N GLY A 38 0.66 3.22 -0.65
CA GLY A 38 1.65 3.76 -1.58
C GLY A 38 2.20 2.65 -2.47
N CYS A 39 3.31 2.96 -3.13
CA CYS A 39 3.96 2.01 -4.01
C CYS A 39 5.15 1.39 -3.26
N ILE A 40 5.52 0.20 -3.68
CA ILE A 40 6.76 -0.41 -3.23
C ILE A 40 7.17 -1.52 -4.20
N ASP A 41 8.44 -1.89 -4.13
CA ASP A 41 8.97 -2.92 -5.00
C ASP A 41 8.81 -4.28 -4.32
N VAL A 42 9.27 -4.34 -3.08
CA VAL A 42 9.25 -5.58 -2.33
C VAL A 42 8.30 -5.43 -1.14
N CYS A 43 7.36 -6.37 -1.04
CA CYS A 43 6.35 -6.32 -0.01
C CYS A 43 7.01 -6.58 1.34
N PRO A 44 6.86 -5.60 2.27
CA PRO A 44 7.45 -5.71 3.58
C PRO A 44 6.71 -6.72 4.45
N LYS A 45 7.47 -7.48 5.23
CA LYS A 45 6.90 -8.50 6.08
C LYS A 45 6.08 -7.84 7.20
N ASN A 46 5.14 -8.60 7.72
CA ASN A 46 4.20 -8.06 8.69
C ASN A 46 4.89 -7.89 10.03
N SER A 47 4.50 -6.83 10.73
CA SER A 47 5.05 -6.56 12.05
C SER A 47 3.97 -6.79 13.12
N LEU A 48 4.39 -6.63 14.37
CA LEU A 48 3.49 -6.88 15.49
C LEU A 48 2.51 -5.71 15.62
N LEU A 49 2.95 -4.55 15.17
CA LEU A 49 2.20 -3.33 15.39
C LEU A 49 1.33 -3.04 14.16
N VAL A 50 1.97 -3.12 13.01
CA VAL A 50 1.29 -2.80 11.76
C VAL A 50 1.38 -3.98 10.80
N LYS A 51 0.34 -4.15 10.01
CA LYS A 51 0.30 -5.22 9.03
C LYS A 51 0.48 -4.63 7.63
N TYR A 52 1.15 -5.40 6.78
CA TYR A 52 1.43 -4.95 5.42
C TYR A 52 0.76 -5.86 4.39
N VAL A 53 0.01 -5.23 3.50
CA VAL A 53 -0.62 -5.96 2.40
C VAL A 53 -0.19 -5.33 1.08
N CYS A 54 0.27 -6.18 0.18
CA CYS A 54 0.71 -5.72 -1.14
C CYS A 54 -0.16 -6.40 -2.19
N CYS A 55 -0.23 -5.75 -3.35
CA CYS A 55 -0.95 -6.32 -4.48
C CYS A 55 -0.36 -5.74 -5.77
N ASN A 56 -0.34 -6.57 -6.80
CA ASN A 56 0.58 -6.37 -7.91
C ASN A 56 -0.18 -5.77 -9.09
N THR A 57 -1.18 -4.96 -8.76
CA THR A 57 -1.94 -4.26 -9.78
C THR A 57 -2.17 -2.81 -9.37
N ASP A 58 -2.70 -2.04 -10.31
CA ASP A 58 -2.80 -0.60 -10.13
C ASP A 58 -4.04 -0.28 -9.28
N ARG A 59 -3.87 0.68 -8.39
CA ARG A 59 -4.98 1.18 -7.60
C ARG A 59 -5.72 0.01 -6.94
N CYS A 60 -4.96 -1.00 -6.56
CA CYS A 60 -5.53 -2.19 -5.96
C CYS A 60 -5.69 -1.94 -4.46
N ASN A 61 -4.80 -1.12 -3.93
CA ASN A 61 -4.80 -0.83 -2.51
C ASN A 61 -5.54 0.49 -2.25
N MET A 1 5.81 4.24 -14.89
CA MET A 1 5.52 4.12 -13.48
C MET A 1 4.04 3.78 -13.25
N LEU A 2 3.79 3.04 -12.17
CA LEU A 2 2.45 2.56 -11.89
C LEU A 2 1.69 3.61 -11.07
N LYS A 3 0.47 3.26 -10.70
CA LYS A 3 -0.35 4.15 -9.89
C LYS A 3 -0.91 3.37 -8.70
N CYS A 4 -0.59 3.86 -7.52
CA CYS A 4 -1.15 3.29 -6.30
C CYS A 4 -2.00 4.37 -5.61
N ASN A 5 -2.81 3.92 -4.66
CA ASN A 5 -3.85 4.77 -4.10
C ASN A 5 -3.33 5.45 -2.84
N LYS A 6 -3.69 6.71 -2.69
CA LYS A 6 -3.43 7.43 -1.45
C LYS A 6 -4.34 6.87 -0.34
N LEU A 7 -4.17 7.42 0.84
CA LEU A 7 -5.14 7.24 1.90
C LEU A 7 -6.53 7.67 1.39
N VAL A 8 -6.52 8.74 0.60
CA VAL A 8 -7.72 9.15 -0.11
C VAL A 8 -7.93 8.23 -1.32
N PRO A 9 -9.11 7.56 -1.33
CA PRO A 9 -9.32 6.45 -2.24
C PRO A 9 -9.68 6.95 -3.64
N ILE A 10 -9.81 8.27 -3.74
CA ILE A 10 -10.16 8.88 -5.01
C ILE A 10 -8.97 9.70 -5.52
N ALA A 11 -7.80 9.38 -4.99
CA ALA A 11 -6.57 10.03 -5.41
C ALA A 11 -5.42 9.02 -5.38
N TYR A 12 -4.59 9.08 -6.41
CA TYR A 12 -3.50 8.13 -6.54
C TYR A 12 -2.16 8.85 -6.66
N LYS A 13 -1.10 8.14 -6.31
CA LYS A 13 0.24 8.64 -6.52
C LYS A 13 0.93 7.82 -7.62
N THR A 14 1.81 8.50 -8.34
CA THR A 14 2.69 7.81 -9.29
C THR A 14 3.85 7.14 -8.54
N CYS A 15 4.02 5.86 -8.82
CA CYS A 15 5.00 5.06 -8.09
C CYS A 15 6.40 5.52 -8.51
N PRO A 16 7.35 5.40 -7.55
CA PRO A 16 8.75 5.66 -7.83
C PRO A 16 9.34 4.54 -8.70
N GLU A 17 10.40 4.89 -9.42
CA GLU A 17 11.05 3.94 -10.31
C GLU A 17 11.52 2.72 -9.51
N GLY A 18 11.26 1.54 -10.08
CA GLY A 18 11.74 0.30 -9.48
C GLY A 18 10.63 -0.37 -8.68
N LYS A 19 9.63 0.42 -8.32
CA LYS A 19 8.49 -0.10 -7.58
C LYS A 19 7.42 -0.56 -8.58
N ASN A 20 6.63 -1.53 -8.12
CA ASN A 20 5.79 -2.29 -9.03
C ASN A 20 4.54 -2.76 -8.29
N LEU A 21 4.69 -2.95 -6.99
CA LEU A 21 3.58 -3.39 -6.16
C LEU A 21 2.93 -2.17 -5.51
N CYS A 22 1.68 -2.34 -5.12
CA CYS A 22 1.03 -1.37 -4.25
C CYS A 22 0.85 -2.01 -2.87
N TYR A 23 1.09 -1.20 -1.85
CA TYR A 23 1.00 -1.67 -0.49
C TYR A 23 0.01 -0.83 0.33
N LYS A 24 -0.58 -1.47 1.32
CA LYS A 24 -1.37 -0.76 2.30
C LYS A 24 -0.99 -1.24 3.71
N MET A 25 -0.96 -0.29 4.63
CA MET A 25 -0.55 -0.59 5.99
C MET A 25 -1.74 -0.47 6.97
N PHE A 26 -1.81 -1.42 7.88
CA PHE A 26 -2.82 -1.37 8.93
C PHE A 26 -2.17 -1.16 10.30
N MET A 27 -3.00 -0.86 11.28
CA MET A 27 -2.60 -0.97 12.68
C MET A 27 -3.46 -1.98 13.42
N MET A 28 -2.81 -2.71 14.32
CA MET A 28 -3.46 -3.82 15.00
C MET A 28 -4.84 -3.40 15.53
N SER A 29 -4.95 -2.12 15.83
CA SER A 29 -6.25 -1.55 16.16
C SER A 29 -7.20 -1.70 14.97
N ASP A 30 -7.00 -0.86 13.98
CA ASP A 30 -7.89 -0.81 12.83
C ASP A 30 -7.38 -1.75 11.75
N LEU A 31 -7.75 -3.02 11.87
CA LEU A 31 -7.43 -4.00 10.86
C LEU A 31 -8.38 -3.84 9.68
N THR A 32 -9.51 -3.20 9.95
CA THR A 32 -10.58 -3.12 8.96
C THR A 32 -10.20 -2.17 7.83
N ILE A 33 -9.63 -1.04 8.22
CA ILE A 33 -9.30 0.01 7.27
C ILE A 33 -7.81 0.34 7.40
N PRO A 34 -7.10 0.25 6.25
CA PRO A 34 -5.69 0.62 6.20
C PRO A 34 -5.52 2.12 6.39
N VAL A 35 -4.33 2.50 6.83
CA VAL A 35 -4.11 3.83 7.37
C VAL A 35 -3.14 4.59 6.46
N LYS A 36 -2.39 3.83 5.67
CA LYS A 36 -1.47 4.42 4.72
C LYS A 36 -1.33 3.48 3.52
N ARG A 37 -1.15 4.09 2.35
CA ARG A 37 -1.01 3.32 1.12
C ARG A 37 -0.02 4.02 0.18
N GLY A 38 0.67 3.20 -0.59
CA GLY A 38 1.69 3.71 -1.50
C GLY A 38 2.23 2.61 -2.41
N CYS A 39 3.37 2.90 -3.03
CA CYS A 39 3.98 1.94 -3.92
C CYS A 39 5.19 1.32 -3.21
N ILE A 40 5.54 0.12 -3.65
CA ILE A 40 6.79 -0.49 -3.20
C ILE A 40 7.17 -1.61 -4.18
N ASP A 41 8.44 -1.98 -4.13
CA ASP A 41 8.96 -3.02 -5.01
C ASP A 41 8.80 -4.38 -4.34
N VAL A 42 9.29 -4.45 -3.10
CA VAL A 42 9.30 -5.71 -2.38
C VAL A 42 8.37 -5.61 -1.17
N CYS A 43 7.44 -6.55 -1.11
CA CYS A 43 6.38 -6.50 -0.11
C CYS A 43 7.00 -6.77 1.26
N PRO A 44 6.83 -5.78 2.18
CA PRO A 44 7.37 -5.89 3.52
C PRO A 44 6.57 -6.91 4.34
N LYS A 45 7.29 -7.68 5.14
CA LYS A 45 6.67 -8.70 5.96
C LYS A 45 5.86 -8.03 7.07
N ASN A 46 4.92 -8.78 7.63
CA ASN A 46 4.01 -8.23 8.60
C ASN A 46 4.73 -8.05 9.94
N SER A 47 4.37 -6.98 10.63
CA SER A 47 4.96 -6.71 11.94
C SER A 47 3.90 -6.89 13.03
N LEU A 48 4.34 -6.73 14.27
CA LEU A 48 3.46 -6.94 15.40
C LEU A 48 2.52 -5.74 15.55
N LEU A 49 3.00 -4.59 15.09
CA LEU A 49 2.29 -3.35 15.31
C LEU A 49 1.41 -3.03 14.10
N VAL A 50 2.03 -3.15 12.93
CA VAL A 50 1.34 -2.80 11.70
C VAL A 50 1.37 -3.99 10.74
N LYS A 51 0.31 -4.11 9.95
CA LYS A 51 0.22 -5.20 8.99
C LYS A 51 0.41 -4.64 7.58
N TYR A 52 1.03 -5.46 6.74
CA TYR A 52 1.32 -5.04 5.38
C TYR A 52 0.59 -5.93 4.37
N VAL A 53 -0.14 -5.28 3.48
CA VAL A 53 -0.78 -5.98 2.38
C VAL A 53 -0.36 -5.33 1.06
N CYS A 54 0.10 -6.18 0.14
CA CYS A 54 0.55 -5.71 -1.16
C CYS A 54 -0.29 -6.38 -2.25
N CYS A 55 -0.37 -5.71 -3.38
CA CYS A 55 -1.05 -6.27 -4.53
C CYS A 55 -0.41 -5.71 -5.80
N ASN A 56 -0.32 -6.54 -6.82
CA ASN A 56 0.63 -6.32 -7.89
C ASN A 56 -0.10 -5.72 -9.09
N THR A 57 -1.12 -4.92 -8.78
CA THR A 57 -1.84 -4.20 -9.81
C THR A 57 -2.08 -2.75 -9.38
N ASP A 58 -2.59 -1.96 -10.32
CA ASP A 58 -2.68 -0.52 -10.12
C ASP A 58 -3.90 -0.22 -9.23
N ARG A 59 -3.69 0.69 -8.30
CA ARG A 59 -4.80 1.21 -7.51
C ARG A 59 -5.61 0.07 -6.90
N CYS A 60 -4.91 -1.00 -6.57
CA CYS A 60 -5.56 -2.19 -6.02
C CYS A 60 -5.64 -2.01 -4.51
N ASN A 61 -4.70 -1.25 -3.97
CA ASN A 61 -4.66 -1.01 -2.53
C ASN A 61 -5.46 0.24 -2.20
N MET A 1 5.87 3.05 -14.73
CA MET A 1 5.43 4.03 -13.75
C MET A 1 3.98 3.77 -13.33
N LEU A 2 3.81 2.79 -12.46
CA LEU A 2 2.49 2.33 -12.10
C LEU A 2 1.81 3.37 -11.20
N LYS A 3 0.59 3.06 -10.80
CA LYS A 3 -0.17 3.96 -9.94
C LYS A 3 -0.74 3.18 -8.76
N CYS A 4 -0.53 3.73 -7.57
CA CYS A 4 -1.13 3.16 -6.37
C CYS A 4 -1.98 4.25 -5.71
N ASN A 5 -2.81 3.81 -4.77
CA ASN A 5 -3.76 4.71 -4.14
C ASN A 5 -3.20 5.20 -2.81
N LYS A 6 -3.48 6.46 -2.51
CA LYS A 6 -3.06 7.03 -1.25
C LYS A 6 -4.16 6.83 -0.20
N LEU A 7 -3.93 7.37 0.98
CA LEU A 7 -4.91 7.29 2.05
C LEU A 7 -6.25 7.81 1.55
N VAL A 8 -6.19 8.85 0.74
CA VAL A 8 -7.37 9.35 0.06
C VAL A 8 -7.75 8.41 -1.08
N PRO A 9 -8.97 7.84 -0.98
CA PRO A 9 -9.36 6.72 -1.81
C PRO A 9 -9.76 7.19 -3.22
N ILE A 10 -9.78 8.51 -3.37
CA ILE A 10 -10.12 9.10 -4.66
C ILE A 10 -8.91 9.82 -5.23
N ALA A 11 -7.74 9.41 -4.74
CA ALA A 11 -6.49 9.99 -5.21
C ALA A 11 -5.43 8.90 -5.31
N TYR A 12 -4.78 8.86 -6.46
CA TYR A 12 -3.63 7.99 -6.65
C TYR A 12 -2.36 8.81 -6.92
N LYS A 13 -1.23 8.22 -6.57
CA LYS A 13 0.06 8.82 -6.88
C LYS A 13 0.89 7.83 -7.69
N THR A 14 1.76 8.38 -8.53
CA THR A 14 2.61 7.56 -9.37
C THR A 14 3.72 6.92 -8.55
N CYS A 15 3.96 5.64 -8.84
CA CYS A 15 4.98 4.90 -8.12
C CYS A 15 6.36 5.41 -8.57
N PRO A 16 7.34 5.33 -7.62
CA PRO A 16 8.71 5.67 -7.95
C PRO A 16 9.33 4.59 -8.83
N GLU A 17 10.36 4.99 -9.57
CA GLU A 17 11.05 4.08 -10.46
C GLU A 17 11.60 2.89 -9.69
N GLY A 18 11.30 1.70 -10.21
CA GLY A 18 11.82 0.48 -9.62
C GLY A 18 10.78 -0.18 -8.70
N LYS A 19 9.77 0.60 -8.34
CA LYS A 19 8.67 0.08 -7.56
C LYS A 19 7.53 -0.34 -8.48
N ASN A 20 6.79 -1.34 -8.03
CA ASN A 20 5.81 -1.98 -8.90
C ASN A 20 4.52 -2.21 -8.11
N LEU A 21 4.69 -2.76 -6.91
CA LEU A 21 3.56 -3.29 -6.17
C LEU A 21 2.88 -2.16 -5.38
N CYS A 22 1.62 -2.37 -5.08
CA CYS A 22 0.88 -1.42 -4.26
C CYS A 22 0.65 -2.05 -2.88
N TYR A 23 0.98 -1.26 -1.86
CA TYR A 23 0.88 -1.75 -0.49
C TYR A 23 -0.06 -0.87 0.34
N LYS A 24 -0.66 -1.50 1.35
CA LYS A 24 -1.43 -0.76 2.32
C LYS A 24 -1.03 -1.21 3.73
N MET A 25 -1.12 -0.28 4.66
CA MET A 25 -0.69 -0.56 6.03
C MET A 25 -1.88 -0.54 6.98
N PHE A 26 -1.88 -1.50 7.90
CA PHE A 26 -2.89 -1.53 8.94
C PHE A 26 -2.26 -1.33 10.32
N MET A 27 -3.11 -1.04 11.29
CA MET A 27 -2.72 -1.15 12.68
C MET A 27 -3.58 -2.19 13.40
N MET A 28 -2.94 -2.92 14.31
CA MET A 28 -3.58 -4.04 14.96
C MET A 28 -4.98 -3.66 15.47
N SER A 29 -5.11 -2.40 15.83
CA SER A 29 -6.42 -1.84 16.15
C SER A 29 -7.33 -1.89 14.92
N ASP A 30 -7.08 -0.95 14.02
CA ASP A 30 -7.95 -0.79 12.85
C ASP A 30 -7.50 -1.74 11.74
N LEU A 31 -7.96 -2.97 11.83
CA LEU A 31 -7.68 -3.95 10.80
C LEU A 31 -8.62 -3.70 9.61
N THR A 32 -9.69 -2.98 9.88
CA THR A 32 -10.76 -2.82 8.91
C THR A 32 -10.31 -1.87 7.79
N ILE A 33 -9.70 -0.76 8.20
CA ILE A 33 -9.33 0.28 7.26
C ILE A 33 -7.84 0.57 7.40
N PRO A 34 -7.12 0.45 6.26
CA PRO A 34 -5.69 0.73 6.23
C PRO A 34 -5.41 2.23 6.37
N VAL A 35 -4.21 2.54 6.81
CA VAL A 35 -3.93 3.86 7.36
C VAL A 35 -2.93 4.58 6.46
N LYS A 36 -2.21 3.79 5.68
CA LYS A 36 -1.30 4.34 4.68
C LYS A 36 -1.24 3.41 3.48
N ARG A 37 -1.15 4.02 2.30
CA ARG A 37 -1.07 3.27 1.06
C ARG A 37 -0.14 3.97 0.07
N GLY A 38 0.65 3.16 -0.63
CA GLY A 38 1.64 3.68 -1.54
C GLY A 38 2.21 2.57 -2.42
N CYS A 39 3.36 2.88 -3.03
CA CYS A 39 4.01 1.92 -3.92
C CYS A 39 5.22 1.35 -3.19
N ILE A 40 5.61 0.15 -3.61
CA ILE A 40 6.88 -0.42 -3.18
C ILE A 40 7.29 -1.51 -4.16
N ASP A 41 8.57 -1.85 -4.11
CA ASP A 41 9.11 -2.88 -4.99
C ASP A 41 8.98 -4.24 -4.32
N VAL A 42 9.41 -4.29 -3.07
CA VAL A 42 9.39 -5.54 -2.33
C VAL A 42 8.42 -5.41 -1.16
N CYS A 43 7.51 -6.38 -1.07
CA CYS A 43 6.44 -6.32 -0.10
C CYS A 43 7.04 -6.52 1.30
N PRO A 44 6.80 -5.52 2.18
CA PRO A 44 7.33 -5.57 3.53
C PRO A 44 6.63 -6.64 4.36
N LYS A 45 7.42 -7.35 5.16
CA LYS A 45 6.88 -8.42 5.99
C LYS A 45 6.04 -7.80 7.11
N ASN A 46 5.13 -8.61 7.63
CA ASN A 46 4.17 -8.12 8.61
C ASN A 46 4.87 -7.93 9.96
N SER A 47 4.47 -6.89 10.67
CA SER A 47 5.00 -6.63 12.00
C SER A 47 3.92 -6.90 13.05
N LEU A 48 4.32 -6.74 14.31
CA LEU A 48 3.42 -7.00 15.41
C LEU A 48 2.44 -5.82 15.55
N LEU A 49 2.90 -4.66 15.11
CA LEU A 49 2.15 -3.43 15.33
C LEU A 49 1.28 -3.14 14.11
N VAL A 50 1.92 -3.21 12.95
CA VAL A 50 1.25 -2.86 11.71
C VAL A 50 1.33 -4.03 10.74
N LYS A 51 0.27 -4.20 9.97
CA LYS A 51 0.22 -5.28 8.98
C LYS A 51 0.39 -4.69 7.58
N TYR A 52 1.05 -5.46 6.73
CA TYR A 52 1.31 -5.02 5.37
C TYR A 52 0.61 -5.91 4.35
N VAL A 53 -0.15 -5.27 3.47
CA VAL A 53 -0.78 -5.99 2.37
C VAL A 53 -0.36 -5.34 1.06
N CYS A 54 0.10 -6.19 0.14
CA CYS A 54 0.55 -5.72 -1.16
C CYS A 54 -0.28 -6.41 -2.24
N CYS A 55 -0.29 -5.80 -3.42
CA CYS A 55 -0.97 -6.40 -4.55
C CYS A 55 -0.36 -5.82 -5.83
N ASN A 56 -0.38 -6.63 -6.88
CA ASN A 56 0.53 -6.43 -8.00
C ASN A 56 -0.24 -5.84 -9.18
N THR A 57 -1.24 -5.03 -8.85
CA THR A 57 -1.98 -4.31 -9.86
C THR A 57 -2.18 -2.85 -9.43
N ASP A 58 -2.68 -2.05 -10.37
CA ASP A 58 -2.76 -0.62 -10.17
C ASP A 58 -4.00 -0.30 -9.33
N ARG A 59 -3.84 0.64 -8.42
CA ARG A 59 -4.96 1.14 -7.64
C ARG A 59 -5.72 -0.02 -6.99
N CYS A 60 -4.96 -1.03 -6.59
CA CYS A 60 -5.55 -2.23 -6.02
C CYS A 60 -5.71 -2.03 -4.51
N ASN A 61 -4.81 -1.24 -3.95
CA ASN A 61 -4.82 -0.97 -2.54
C ASN A 61 -5.62 0.30 -2.27
N MET A 1 5.82 4.67 -14.04
CA MET A 1 5.67 3.50 -13.20
C MET A 1 4.20 3.25 -12.86
N LEU A 2 3.99 2.30 -11.96
CA LEU A 2 2.64 1.88 -11.62
C LEU A 2 1.91 3.04 -10.93
N LYS A 3 0.64 2.80 -10.63
CA LYS A 3 -0.15 3.77 -9.88
C LYS A 3 -0.83 3.07 -8.71
N CYS A 4 -0.74 3.69 -7.55
CA CYS A 4 -1.37 3.15 -6.36
C CYS A 4 -2.22 4.24 -5.73
N ASN A 5 -3.07 3.83 -4.80
CA ASN A 5 -3.98 4.76 -4.15
C ASN A 5 -3.37 5.23 -2.83
N LYS A 6 -3.54 6.51 -2.55
CA LYS A 6 -3.10 7.08 -1.30
C LYS A 6 -4.18 6.90 -0.23
N LEU A 7 -3.89 7.40 0.96
CA LEU A 7 -4.85 7.36 2.04
C LEU A 7 -6.20 7.88 1.54
N VAL A 8 -6.13 8.93 0.74
CA VAL A 8 -7.32 9.42 0.05
C VAL A 8 -7.67 8.46 -1.10
N PRO A 9 -8.89 7.87 -0.99
CA PRO A 9 -9.25 6.75 -1.83
C PRO A 9 -9.68 7.22 -3.22
N ILE A 10 -9.70 8.53 -3.39
CA ILE A 10 -10.08 9.12 -4.66
C ILE A 10 -8.87 9.84 -5.26
N ALA A 11 -7.70 9.44 -4.80
CA ALA A 11 -6.46 10.01 -5.31
C ALA A 11 -5.40 8.92 -5.42
N TYR A 12 -4.77 8.86 -6.58
CA TYR A 12 -3.65 7.95 -6.78
C TYR A 12 -2.38 8.73 -7.09
N LYS A 13 -1.25 8.10 -6.76
CA LYS A 13 0.05 8.66 -7.09
C LYS A 13 0.85 7.62 -7.86
N THR A 14 1.73 8.12 -8.74
CA THR A 14 2.62 7.24 -9.49
C THR A 14 3.74 6.73 -8.59
N CYS A 15 4.06 5.46 -8.75
CA CYS A 15 5.06 4.83 -7.90
C CYS A 15 6.44 5.39 -8.29
N PRO A 16 7.38 5.31 -7.32
CA PRO A 16 8.77 5.67 -7.58
C PRO A 16 9.44 4.64 -8.48
N GLU A 17 10.49 5.09 -9.15
CA GLU A 17 11.20 4.23 -10.09
C GLU A 17 11.69 2.96 -9.37
N GLY A 18 11.40 1.83 -9.99
CA GLY A 18 11.90 0.56 -9.48
C GLY A 18 10.83 -0.14 -8.62
N LYS A 19 9.82 0.64 -8.24
CA LYS A 19 8.71 0.12 -7.47
C LYS A 19 7.57 -0.26 -8.41
N ASN A 20 6.83 -1.28 -8.02
CA ASN A 20 5.87 -1.90 -8.92
C ASN A 20 4.55 -2.12 -8.17
N LEU A 21 4.67 -2.68 -6.98
CA LEU A 21 3.51 -3.23 -6.29
C LEU A 21 2.83 -2.13 -5.48
N CYS A 22 1.57 -2.37 -5.16
CA CYS A 22 0.82 -1.44 -4.34
C CYS A 22 0.61 -2.07 -2.97
N TYR A 23 0.91 -1.29 -1.94
CA TYR A 23 0.80 -1.77 -0.57
C TYR A 23 -0.12 -0.87 0.26
N LYS A 24 -0.73 -1.47 1.26
CA LYS A 24 -1.48 -0.71 2.24
C LYS A 24 -1.08 -1.17 3.65
N MET A 25 -1.15 -0.23 4.58
CA MET A 25 -0.71 -0.50 5.95
C MET A 25 -1.89 -0.48 6.92
N PHE A 26 -1.90 -1.45 7.82
CA PHE A 26 -2.89 -1.48 8.87
C PHE A 26 -2.24 -1.29 10.25
N MET A 27 -3.09 -1.03 11.23
CA MET A 27 -2.69 -1.16 12.62
C MET A 27 -3.52 -2.22 13.33
N MET A 28 -2.84 -2.97 14.20
CA MET A 28 -3.46 -4.12 14.83
C MET A 28 -4.84 -3.77 15.38
N SER A 29 -4.98 -2.51 15.79
CA SER A 29 -6.27 -1.99 16.19
C SER A 29 -7.23 -1.98 15.00
N ASP A 30 -6.91 -1.12 14.04
CA ASP A 30 -7.80 -0.92 12.90
C ASP A 30 -7.35 -1.84 11.76
N LEU A 31 -7.81 -3.08 11.83
CA LEU A 31 -7.57 -4.04 10.76
C LEU A 31 -8.54 -3.78 9.61
N THR A 32 -9.60 -3.05 9.93
CA THR A 32 -10.69 -2.87 8.98
C THR A 32 -10.27 -1.89 7.88
N ILE A 33 -9.66 -0.79 8.30
CA ILE A 33 -9.31 0.27 7.38
C ILE A 33 -7.82 0.58 7.50
N PRO A 34 -7.12 0.51 6.33
CA PRO A 34 -5.70 0.80 6.29
C PRO A 34 -5.44 2.30 6.48
N VAL A 35 -4.22 2.61 6.88
CA VAL A 35 -3.92 3.92 7.42
C VAL A 35 -2.93 4.64 6.50
N LYS A 36 -2.25 3.86 5.69
CA LYS A 36 -1.36 4.40 4.68
C LYS A 36 -1.33 3.48 3.45
N ARG A 37 -1.15 4.10 2.30
CA ARG A 37 -1.07 3.35 1.06
C ARG A 37 -0.09 4.02 0.10
N GLY A 38 0.63 3.18 -0.65
CA GLY A 38 1.64 3.68 -1.56
C GLY A 38 2.17 2.55 -2.45
N CYS A 39 3.31 2.82 -3.07
CA CYS A 39 3.94 1.85 -3.96
C CYS A 39 5.19 1.32 -3.27
N ILE A 40 5.58 0.12 -3.66
CA ILE A 40 6.85 -0.44 -3.22
C ILE A 40 7.27 -1.55 -4.19
N ASP A 41 8.56 -1.88 -4.14
CA ASP A 41 9.11 -2.89 -5.03
C ASP A 41 8.99 -4.26 -4.37
N VAL A 42 9.41 -4.32 -3.12
CA VAL A 42 9.38 -5.57 -2.37
C VAL A 42 8.39 -5.43 -1.21
N CYS A 43 7.47 -6.38 -1.14
CA CYS A 43 6.39 -6.32 -0.17
C CYS A 43 6.98 -6.53 1.23
N PRO A 44 6.76 -5.51 2.11
CA PRO A 44 7.28 -5.57 3.46
C PRO A 44 6.55 -6.62 4.29
N LYS A 45 7.33 -7.35 5.07
CA LYS A 45 6.77 -8.41 5.90
C LYS A 45 5.95 -7.79 7.04
N ASN A 46 5.02 -8.58 7.55
CA ASN A 46 4.09 -8.07 8.54
C ASN A 46 4.81 -7.90 9.88
N SER A 47 4.44 -6.84 10.58
CA SER A 47 5.02 -6.57 11.89
C SER A 47 3.97 -6.78 12.98
N LEU A 48 4.42 -6.62 14.22
CA LEU A 48 3.55 -6.87 15.36
C LEU A 48 2.60 -5.69 15.53
N LEU A 49 3.02 -4.54 15.04
CA LEU A 49 2.28 -3.31 15.25
C LEU A 49 1.39 -3.03 14.04
N VAL A 50 1.99 -3.11 12.87
CA VAL A 50 1.29 -2.78 11.64
C VAL A 50 1.36 -3.98 10.68
N LYS A 51 0.29 -4.13 9.92
CA LYS A 51 0.22 -5.21 8.93
C LYS A 51 0.38 -4.63 7.53
N TYR A 52 1.02 -5.41 6.67
CA TYR A 52 1.28 -4.97 5.31
C TYR A 52 0.57 -5.87 4.30
N VAL A 53 -0.19 -5.24 3.42
CA VAL A 53 -0.84 -5.97 2.34
C VAL A 53 -0.44 -5.33 1.00
N CYS A 54 0.04 -6.18 0.09
CA CYS A 54 0.48 -5.71 -1.20
C CYS A 54 -0.35 -6.40 -2.27
N CYS A 55 -0.36 -5.81 -3.46
CA CYS A 55 -1.07 -6.38 -4.59
C CYS A 55 -0.45 -5.83 -5.88
N ASN A 56 -0.49 -6.66 -6.91
CA ASN A 56 0.41 -6.50 -8.04
C ASN A 56 -0.37 -5.90 -9.22
N THR A 57 -1.33 -5.06 -8.89
CA THR A 57 -2.08 -4.33 -9.91
C THR A 57 -2.25 -2.87 -9.50
N ASP A 58 -2.77 -2.09 -10.43
CA ASP A 58 -2.87 -0.66 -10.23
C ASP A 58 -4.09 -0.35 -9.36
N ARG A 59 -3.90 0.61 -8.46
CA ARG A 59 -5.01 1.14 -7.69
C ARG A 59 -5.80 0.01 -7.02
N CYS A 60 -5.06 -1.02 -6.62
CA CYS A 60 -5.68 -2.18 -6.03
C CYS A 60 -5.81 -1.94 -4.52
N ASN A 61 -4.88 -1.16 -3.99
CA ASN A 61 -4.86 -0.88 -2.57
C ASN A 61 -5.63 0.42 -2.31
#